data_9BD5
#
_entry.id   9BD5
#
_cell.length_a   94.800
_cell.length_b   94.800
_cell.length_c   271.658
_cell.angle_alpha   90.000
_cell.angle_beta   90.000
_cell.angle_gamma   120.000
#
_symmetry.space_group_name_H-M   'P 65'
#
loop_
_entity.id
_entity.type
_entity.pdbx_description
1 polymer 'Spore coat protein A'
2 non-polymer 'SULFATE ION'
3 non-polymer 'COPPER (II) ION'
4 water water
#
_entity_poly.entity_id   1
_entity_poly.type   'polypeptide(L)'
_entity_poly.pdbx_seq_one_letter_code
;MKLEKFVDKLPIPKVLKPHSKSKEMTYYEVTMKEFQQQLHRDLPPTRLFGYNGVYPGPTFEVQKHEKVAVKWLNKLPDHH
FLPVDHTIHDDGHHEHEVKTVVHLHGGRTPPDSDGYPEAWYTKDFQVKGPFFEREVYEYPNEQDATALWYHDHAMAITRL
NVYAGLVGLYFIRDREERSLNLPKGEYEIPLLIQDKSFHEDGSLFYPRQPDNPSPDLPDPSIVPAFCGDTILVNGKVWPY
DELEPRKYRFRILNASNTRIFELYFDHDITFHQIGTDGGLLQHPVKVNELVIAPAERCDIIVDFSRAEGKTVTLKNRIGC
SGQDADPDTDANIMQFRISKPLKQKDTSSLPRILRKRPFYRRHKINTLRNLSLGASLDQYGRPVLLLNNTKWHEPVTETP
ALGSTEIWSIINAGRAIHPIHLHLVQFLILDHRPFDIERYQENGELVFTGPAAPPAQNEKGLKDTVKVPPGSVTRIIATF
APYSGRYVWHCHILEHEDYDMMRPLEVTDIRHQEFEAWARTKTHLRRGSE
;
_entity_poly.pdbx_strand_id   A,B
#
# COMPACT_ATOMS: atom_id res chain seq x y z
N LYS A 2 -3.73 29.63 20.14
CA LYS A 2 -2.80 30.73 19.89
C LYS A 2 -2.58 30.91 18.39
N LEU A 3 -2.38 32.17 17.97
CA LEU A 3 -2.13 32.55 16.58
C LEU A 3 -3.33 32.27 15.69
N GLU A 4 -4.06 33.31 15.32
CA GLU A 4 -5.24 33.15 14.48
C GLU A 4 -4.84 32.69 13.09
N LYS A 5 -5.50 31.66 12.59
CA LYS A 5 -5.16 31.09 11.30
C LYS A 5 -5.67 31.94 10.15
N PHE A 6 -4.91 31.93 9.06
CA PHE A 6 -5.37 32.43 7.75
C PHE A 6 -5.57 33.95 7.77
N VAL A 7 -4.59 34.66 8.31
CA VAL A 7 -4.61 36.12 8.29
C VAL A 7 -3.47 36.73 7.48
N ASP A 8 -2.40 35.99 7.22
CA ASP A 8 -1.31 36.47 6.38
C ASP A 8 -1.39 35.85 4.99
N LYS A 9 -0.99 36.61 3.98
CA LYS A 9 -1.03 36.11 2.61
C LYS A 9 0.20 35.25 2.34
N LEU A 10 0.02 34.25 1.47
CA LEU A 10 1.07 33.30 1.17
C LEU A 10 2.22 33.99 0.44
N PRO A 11 3.43 34.03 1.02
CA PRO A 11 4.56 34.65 0.33
C PRO A 11 5.10 33.75 -0.77
N ILE A 12 5.54 34.36 -1.86
CA ILE A 12 6.24 33.67 -2.94
C ILE A 12 7.69 34.12 -2.90
N PRO A 13 8.64 33.21 -2.65
CA PRO A 13 10.06 33.61 -2.66
C PRO A 13 10.46 34.15 -4.02
N LYS A 14 11.17 35.29 -4.00
CA LYS A 14 11.63 35.89 -5.24
C LYS A 14 12.66 35.00 -5.92
N VAL A 15 12.65 35.02 -7.25
CA VAL A 15 13.62 34.28 -8.03
C VAL A 15 14.97 34.98 -7.94
N LEU A 16 16.01 34.23 -7.57
CA LEU A 16 17.32 34.82 -7.37
C LEU A 16 17.93 35.24 -8.71
N LYS A 17 18.55 36.41 -8.70
CA LYS A 17 19.24 36.91 -9.88
C LYS A 17 20.74 36.69 -9.77
N PRO A 18 21.39 36.22 -10.83
CA PRO A 18 22.82 35.94 -10.76
C PRO A 18 23.65 37.21 -10.84
N HIS A 19 24.87 37.13 -10.31
CA HIS A 19 25.80 38.24 -10.41
C HIS A 19 26.34 38.40 -11.83
N SER A 20 26.57 37.27 -12.51
CA SER A 20 27.07 37.29 -13.88
C SER A 20 26.56 36.06 -14.62
N LYS A 21 26.20 36.25 -15.89
CA LYS A 21 25.64 35.17 -16.70
C LYS A 21 26.27 35.24 -18.08
N SER A 22 26.96 34.17 -18.47
CA SER A 22 27.57 34.07 -19.80
C SER A 22 27.14 32.75 -20.42
N LYS A 23 27.58 32.51 -21.66
CA LYS A 23 27.35 31.22 -22.29
C LYS A 23 28.19 30.12 -21.65
N GLU A 24 29.32 30.48 -21.03
CA GLU A 24 30.11 29.50 -20.28
C GLU A 24 29.40 29.11 -18.99
N MET A 25 29.05 30.10 -18.17
CA MET A 25 28.66 29.83 -16.80
C MET A 25 27.65 30.87 -16.33
N THR A 26 26.84 30.48 -15.36
CA THR A 26 25.92 31.38 -14.66
C THR A 26 26.33 31.41 -13.20
N TYR A 27 26.84 32.55 -12.74
CA TYR A 27 27.48 32.66 -11.43
C TYR A 27 26.56 33.35 -10.44
N TYR A 28 26.35 32.71 -9.29
CA TYR A 28 25.54 33.23 -8.20
C TYR A 28 26.39 33.45 -6.96
N GLU A 29 25.93 34.34 -6.09
CA GLU A 29 26.52 34.53 -4.77
C GLU A 29 25.40 34.65 -3.75
N VAL A 30 25.43 33.79 -2.75
CA VAL A 30 24.41 33.76 -1.70
C VAL A 30 25.12 33.83 -0.36
N THR A 31 24.63 34.69 0.53
CA THR A 31 25.22 34.90 1.84
C THR A 31 24.26 34.45 2.94
N MET A 32 24.80 33.77 3.94
CA MET A 32 24.03 33.33 5.10
C MET A 32 24.12 34.40 6.18
N LYS A 33 23.00 35.08 6.44
CA LYS A 33 22.97 36.18 7.37
C LYS A 33 21.95 35.93 8.47
N GLU A 34 22.22 36.48 9.65
CA GLU A 34 21.27 36.47 10.75
C GLU A 34 20.41 37.73 10.68
N PHE A 35 19.12 37.56 10.95
CA PHE A 35 18.17 38.66 10.78
C PHE A 35 16.89 38.30 11.52
N GLN A 36 15.96 39.26 11.55
CA GLN A 36 14.61 39.04 12.06
C GLN A 36 13.61 39.14 10.92
N GLN A 37 12.55 38.33 11.01
CA GLN A 37 11.50 38.33 10.02
C GLN A 37 10.20 37.94 10.68
N GLN A 38 9.14 38.69 10.41
CA GLN A 38 7.84 38.43 11.01
C GLN A 38 7.17 37.26 10.30
N LEU A 39 6.87 36.19 11.05
CA LEU A 39 6.31 35.00 10.46
C LEU A 39 4.79 34.89 10.63
N HIS A 40 4.20 35.69 11.51
CA HIS A 40 2.76 35.74 11.67
C HIS A 40 2.34 37.17 11.99
N ARG A 41 1.09 37.50 11.64
CA ARG A 41 0.58 38.85 11.84
C ARG A 41 0.68 39.29 13.29
N ASP A 42 0.52 38.36 14.23
CA ASP A 42 0.53 38.67 15.66
C ASP A 42 1.79 38.20 16.37
N LEU A 43 2.82 37.83 15.62
CA LEU A 43 4.05 37.43 16.30
C LEU A 43 5.11 38.51 16.17
N PRO A 44 5.91 38.72 17.22
CA PRO A 44 7.10 39.57 17.09
C PRO A 44 8.08 38.96 16.11
N PRO A 45 8.99 39.74 15.54
CA PRO A 45 9.92 39.19 14.55
C PRO A 45 10.73 38.03 15.12
N THR A 46 11.14 37.13 14.24
CA THR A 46 11.81 35.90 14.62
C THR A 46 13.26 35.93 14.17
N ARG A 47 14.18 35.76 15.13
CA ARG A 47 15.59 35.65 14.80
C ARG A 47 15.85 34.37 14.00
N LEU A 48 16.46 34.52 12.83
CA LEU A 48 16.61 33.41 11.91
C LEU A 48 17.99 33.43 11.25
N PHE A 49 18.46 32.25 10.85
CA PHE A 49 19.57 32.12 9.93
C PHE A 49 18.99 31.87 8.54
N GLY A 50 19.39 32.67 7.57
CA GLY A 50 18.78 32.59 6.26
C GLY A 50 19.71 32.97 5.13
N TYR A 51 19.38 32.48 3.94
CA TYR A 51 20.10 32.83 2.73
C TYR A 51 19.63 34.19 2.22
N ASN A 52 20.58 35.08 1.97
CA ASN A 52 20.29 36.43 1.48
C ASN A 52 19.28 37.14 2.38
N GLY A 53 19.40 36.90 3.68
CA GLY A 53 18.58 37.60 4.67
C GLY A 53 17.09 37.45 4.48
N VAL A 54 16.64 36.26 4.08
CA VAL A 54 15.21 36.03 3.83
C VAL A 54 14.90 34.57 4.11
N TYR A 55 13.68 34.31 4.57
CA TYR A 55 13.23 32.97 4.93
C TYR A 55 11.89 32.71 4.28
N PRO A 56 11.78 31.72 3.38
CA PRO A 56 12.85 30.84 2.89
C PRO A 56 13.80 31.58 1.97
N GLY A 57 14.93 30.98 1.60
CA GLY A 57 15.90 31.65 0.77
C GLY A 57 15.38 31.93 -0.62
N PRO A 58 16.16 32.66 -1.42
CA PRO A 58 15.75 32.93 -2.80
C PRO A 58 15.60 31.63 -3.59
N THR A 59 14.76 31.69 -4.62
CA THR A 59 14.46 30.52 -5.44
C THR A 59 15.34 30.54 -6.70
N PHE A 60 16.07 29.46 -6.92
CA PHE A 60 16.87 29.31 -8.13
C PHE A 60 16.00 28.83 -9.28
N GLU A 61 16.20 29.43 -10.45
CA GLU A 61 15.58 28.97 -11.69
C GLU A 61 16.72 28.68 -12.68
N VAL A 62 16.99 27.40 -12.92
CA VAL A 62 18.05 26.98 -13.80
C VAL A 62 17.47 26.10 -14.91
N GLN A 63 18.26 25.87 -15.94
CA GLN A 63 17.88 25.03 -17.07
C GLN A 63 18.76 23.79 -17.10
N LYS A 64 18.27 22.76 -17.80
CA LYS A 64 19.09 21.59 -18.06
C LYS A 64 20.31 21.98 -18.87
N HIS A 65 21.47 21.42 -18.51
CA HIS A 65 22.76 21.67 -19.14
C HIS A 65 23.36 23.02 -18.75
N GLU A 66 22.58 23.86 -18.06
CA GLU A 66 23.10 25.16 -17.65
C GLU A 66 24.12 24.97 -16.53
N LYS A 67 25.37 25.36 -16.80
CA LYS A 67 26.44 25.25 -15.81
C LYS A 67 26.27 26.40 -14.81
N VAL A 68 25.86 26.07 -13.58
CA VAL A 68 25.55 27.06 -12.56
C VAL A 68 26.63 27.01 -11.49
N ALA A 69 27.16 28.18 -11.13
CA ALA A 69 28.16 28.31 -10.09
C ALA A 69 27.60 29.17 -8.97
N VAL A 70 27.68 28.67 -7.73
CA VAL A 70 27.20 29.39 -6.56
C VAL A 70 28.32 29.47 -5.56
N LYS A 71 28.58 30.66 -5.04
CA LYS A 71 29.54 30.89 -3.96
C LYS A 71 28.74 31.12 -2.69
N TRP A 72 28.65 30.09 -1.85
CA TRP A 72 27.88 30.17 -0.61
C TRP A 72 28.74 30.84 0.46
N LEU A 73 28.36 32.05 0.84
CA LEU A 73 29.13 32.85 1.79
C LEU A 73 28.51 32.77 3.18
N ASN A 74 29.37 32.59 4.19
CA ASN A 74 28.95 32.52 5.58
C ASN A 74 29.18 33.89 6.23
N LYS A 75 28.11 34.54 6.65
CA LYS A 75 28.18 35.79 7.39
C LYS A 75 27.43 35.69 8.72
N LEU A 76 27.37 34.49 9.28
CA LEU A 76 26.65 34.21 10.50
C LEU A 76 27.53 34.48 11.73
N PRO A 77 26.92 34.73 12.90
CA PRO A 77 27.72 34.98 14.11
C PRO A 77 28.57 33.79 14.52
N ASP A 78 29.39 33.98 15.56
CA ASP A 78 30.25 32.92 16.04
C ASP A 78 29.52 31.93 16.94
N HIS A 79 28.38 32.31 17.51
CA HIS A 79 27.61 31.44 18.38
C HIS A 79 26.21 31.25 17.81
N HIS A 80 25.66 30.06 18.05
CA HIS A 80 24.32 29.71 17.58
C HIS A 80 23.28 30.12 18.61
N PHE A 81 22.09 30.47 18.13
CA PHE A 81 20.99 30.84 19.01
C PHE A 81 20.10 29.64 19.36
N LEU A 82 20.39 28.47 18.81
CA LEU A 82 19.67 27.24 19.11
C LEU A 82 20.54 26.31 19.96
N PRO A 83 19.92 25.45 20.77
CA PRO A 83 20.71 24.61 21.69
C PRO A 83 21.60 23.63 20.92
N VAL A 84 22.91 23.77 21.12
CA VAL A 84 23.90 22.94 20.45
C VAL A 84 24.35 21.84 21.41
N ASP A 85 24.21 20.59 20.99
CA ASP A 85 24.71 19.45 21.74
C ASP A 85 26.19 19.27 21.40
N HIS A 86 27.07 19.57 22.36
CA HIS A 86 28.50 19.50 22.15
C HIS A 86 29.07 18.10 22.44
N THR A 87 28.23 17.08 22.50
CA THR A 87 28.67 15.75 22.89
C THR A 87 28.40 14.67 21.85
N ILE A 88 27.84 15.01 20.69
CA ILE A 88 27.48 13.98 19.71
C ILE A 88 28.59 13.80 18.69
N HIS A 89 29.31 14.87 18.38
CA HIS A 89 30.42 14.79 17.43
C HIS A 89 31.50 15.82 17.77
N GLU A 97 30.08 26.47 17.83
CA GLU A 97 30.25 27.38 16.70
C GLU A 97 29.12 27.23 15.68
N VAL A 98 29.09 28.13 14.70
CA VAL A 98 28.12 28.06 13.62
C VAL A 98 28.82 27.59 12.35
N LYS A 99 28.80 26.28 12.12
CA LYS A 99 29.36 25.70 10.92
C LYS A 99 28.29 25.57 9.85
N THR A 100 28.67 25.78 8.59
CA THR A 100 27.72 25.81 7.49
C THR A 100 28.30 25.13 6.26
N VAL A 101 27.44 24.42 5.54
CA VAL A 101 27.76 23.89 4.22
C VAL A 101 26.44 23.63 3.50
N VAL A 102 26.39 24.01 2.23
CA VAL A 102 25.14 24.02 1.46
C VAL A 102 25.09 22.79 0.58
N HIS A 103 23.99 22.04 0.67
CA HIS A 103 23.77 20.84 -0.12
C HIS A 103 22.53 21.03 -1.00
N LEU A 104 22.67 20.73 -2.29
CA LEU A 104 21.55 20.76 -3.22
C LEU A 104 20.89 19.39 -3.18
N HIS A 105 19.77 19.29 -2.47
CA HIS A 105 19.08 18.01 -2.29
C HIS A 105 18.53 17.52 -3.63
N GLY A 106 18.92 16.31 -4.01
CA GLY A 106 18.49 15.73 -5.26
C GLY A 106 19.30 16.12 -6.47
N GLY A 107 20.28 17.00 -6.31
CA GLY A 107 21.05 17.47 -7.45
C GLY A 107 22.08 16.45 -7.90
N ARG A 108 22.19 16.29 -9.21
CA ARG A 108 23.23 15.45 -9.82
C ARG A 108 24.52 16.26 -9.81
N THR A 109 25.25 16.17 -8.71
CA THR A 109 26.37 17.05 -8.45
C THR A 109 27.65 16.27 -8.21
N PRO A 110 28.79 16.71 -8.75
CA PRO A 110 30.06 16.11 -8.37
C PRO A 110 30.28 16.25 -6.89
N PRO A 111 31.06 15.34 -6.28
CA PRO A 111 31.18 15.35 -4.81
C PRO A 111 31.80 16.62 -4.25
N ASP A 112 32.62 17.33 -5.03
CA ASP A 112 33.27 18.53 -4.52
C ASP A 112 32.30 19.69 -4.33
N SER A 113 31.11 19.62 -4.92
CA SER A 113 30.09 20.65 -4.77
C SER A 113 28.80 20.12 -4.16
N ASP A 114 28.81 18.90 -3.63
CA ASP A 114 27.60 18.29 -3.10
C ASP A 114 27.25 18.76 -1.70
N GLY A 115 28.21 19.37 -0.99
CA GLY A 115 27.96 19.83 0.37
C GLY A 115 28.18 18.76 1.40
N TYR A 116 29.40 18.21 1.44
CA TYR A 116 29.72 17.16 2.40
C TYR A 116 29.57 17.70 3.81
N PRO A 117 29.06 16.90 4.76
CA PRO A 117 28.84 17.42 6.12
C PRO A 117 30.11 17.91 6.80
N GLU A 118 31.25 17.30 6.52
CA GLU A 118 32.52 17.71 7.13
C GLU A 118 33.29 18.68 6.24
N ALA A 119 32.68 19.17 5.15
CA ALA A 119 33.23 20.26 4.36
C ALA A 119 32.69 21.62 4.81
N TRP A 120 32.29 21.74 6.08
CA TRP A 120 31.70 22.96 6.58
C TRP A 120 32.74 24.06 6.70
N TYR A 121 32.26 25.25 7.07
CA TYR A 121 33.13 26.41 7.23
C TYR A 121 32.38 27.44 8.07
N THR A 122 33.15 28.24 8.80
CA THR A 122 32.58 29.31 9.61
C THR A 122 32.52 30.59 8.77
N LYS A 123 32.38 31.74 9.43
CA LYS A 123 32.26 33.01 8.72
C LYS A 123 33.52 33.32 7.93
N ASP A 124 33.34 33.73 6.67
CA ASP A 124 34.44 34.13 5.79
C ASP A 124 35.47 33.01 5.61
N PHE A 125 35.03 31.77 5.73
CA PHE A 125 35.89 30.59 5.52
C PHE A 125 37.09 30.59 6.45
N GLN A 126 36.96 31.19 7.64
CA GLN A 126 38.12 31.30 8.53
C GLN A 126 38.45 29.96 9.18
N VAL A 127 37.44 29.22 9.62
CA VAL A 127 37.61 27.86 10.13
C VAL A 127 36.92 26.91 9.17
N LYS A 128 37.66 25.90 8.72
CA LYS A 128 37.19 24.98 7.69
C LYS A 128 37.17 23.56 8.23
N GLY A 129 36.17 22.79 7.80
CA GLY A 129 36.09 21.38 8.14
C GLY A 129 37.15 20.58 7.43
N PRO A 130 37.39 19.35 7.91
CA PRO A 130 38.50 18.55 7.34
C PRO A 130 38.33 18.21 5.88
N PHE A 131 37.12 18.32 5.31
CA PHE A 131 36.89 18.00 3.92
C PHE A 131 36.64 19.23 3.04
N PHE A 132 36.88 20.43 3.57
CA PHE A 132 36.71 21.64 2.78
C PHE A 132 37.75 21.70 1.67
N GLU A 133 37.34 22.23 0.52
CA GLU A 133 38.28 22.36 -0.59
C GLU A 133 37.85 23.42 -1.61
N ARG A 134 36.62 23.89 -1.52
CA ARG A 134 36.09 24.83 -2.51
C ARG A 134 35.22 25.88 -1.84
N GLU A 135 35.31 27.11 -2.33
CA GLU A 135 34.40 28.18 -1.94
C GLU A 135 33.29 28.40 -2.93
N VAL A 136 33.47 27.99 -4.18
CA VAL A 136 32.51 28.20 -5.25
C VAL A 136 32.06 26.84 -5.75
N TYR A 137 30.81 26.48 -5.49
CA TYR A 137 30.25 25.23 -5.99
C TYR A 137 29.84 25.39 -7.45
N GLU A 138 29.86 24.28 -8.18
CA GLU A 138 29.45 24.25 -9.57
C GLU A 138 28.48 23.11 -9.79
N TYR A 139 27.31 23.42 -10.33
CA TYR A 139 26.28 22.42 -10.59
C TYR A 139 26.11 22.25 -12.09
N PRO A 140 26.53 21.13 -12.67
CA PRO A 140 26.40 20.96 -14.13
C PRO A 140 24.96 20.92 -14.62
N ASN A 141 24.00 20.56 -13.75
CA ASN A 141 22.59 20.50 -14.12
C ASN A 141 22.35 19.59 -15.31
N GLU A 142 23.03 18.46 -15.34
CA GLU A 142 22.81 17.45 -16.39
C GLU A 142 21.77 16.43 -15.96
N GLN A 143 20.62 16.91 -15.50
CA GLN A 143 19.51 16.06 -15.10
C GLN A 143 18.20 16.66 -15.62
N ASP A 144 17.16 15.83 -15.64
CA ASP A 144 15.88 16.25 -16.21
C ASP A 144 15.18 17.24 -15.27
N ALA A 145 14.16 17.89 -15.81
CA ALA A 145 13.45 18.92 -15.06
C ALA A 145 12.76 18.33 -13.84
N THR A 146 12.97 18.95 -12.69
CA THR A 146 12.34 18.52 -11.45
C THR A 146 12.39 19.69 -10.46
N ALA A 147 11.92 19.44 -9.25
CA ALA A 147 11.93 20.42 -8.16
C ALA A 147 12.92 19.96 -7.11
N LEU A 148 14.00 20.70 -6.96
CA LEU A 148 15.01 20.46 -5.93
C LEU A 148 14.90 21.53 -4.86
N TRP A 149 15.79 21.44 -3.87
CA TRP A 149 15.86 22.45 -2.83
C TRP A 149 17.23 22.35 -2.16
N TYR A 150 17.71 23.48 -1.65
CA TYR A 150 19.02 23.55 -1.00
C TYR A 150 18.84 23.90 0.47
N HIS A 151 19.71 23.33 1.31
CA HIS A 151 19.63 23.54 2.75
C HIS A 151 21.01 23.25 3.35
N ASP A 152 21.16 23.63 4.61
CA ASP A 152 22.42 23.41 5.30
C ASP A 152 22.64 21.93 5.58
N HIS A 153 23.91 21.54 5.67
CA HIS A 153 24.25 20.13 5.87
C HIS A 153 25.43 19.94 6.83
N ALA A 154 25.76 20.96 7.62
CA ALA A 154 26.89 20.86 8.53
C ALA A 154 26.67 19.74 9.53
N MET A 155 27.73 19.00 9.84
CA MET A 155 27.60 17.82 10.66
C MET A 155 27.23 18.19 12.09
N ALA A 156 26.38 17.35 12.71
CA ALA A 156 26.00 17.42 14.11
C ALA A 156 25.08 18.59 14.43
N ILE A 157 24.89 19.52 13.48
CA ILE A 157 24.03 20.66 13.72
C ILE A 157 23.12 20.91 12.52
N THR A 158 22.93 19.89 11.69
CA THR A 158 22.03 20.03 10.54
C THR A 158 20.59 20.27 10.99
N ARG A 159 20.18 19.66 12.11
CA ARG A 159 18.84 19.88 12.62
C ARG A 159 18.65 21.33 13.06
N LEU A 160 19.71 22.00 13.48
CA LEU A 160 19.59 23.37 13.98
C LEU A 160 19.62 24.37 12.83
N ASN A 161 20.58 24.23 11.93
CA ASN A 161 20.74 25.20 10.84
C ASN A 161 19.54 25.18 9.90
N VAL A 162 19.01 23.99 9.60
CA VAL A 162 17.83 23.90 8.76
C VAL A 162 16.62 24.49 9.48
N TYR A 163 16.45 24.15 10.76
CA TYR A 163 15.35 24.71 11.54
C TYR A 163 15.49 26.21 11.71
N ALA A 164 16.73 26.72 11.75
CA ALA A 164 16.97 28.15 11.86
C ALA A 164 16.50 28.94 10.65
N GLY A 165 16.21 28.27 9.53
CA GLY A 165 15.65 28.93 8.37
C GLY A 165 16.49 28.80 7.11
N LEU A 166 17.54 27.98 7.16
CA LEU A 166 18.44 27.81 6.02
C LEU A 166 17.89 26.75 5.07
N VAL A 167 16.81 27.13 4.38
CA VAL A 167 16.20 26.31 3.34
C VAL A 167 15.81 27.22 2.18
N GLY A 168 15.79 26.65 0.99
CA GLY A 168 15.42 27.39 -0.19
C GLY A 168 15.14 26.46 -1.35
N LEU A 169 14.45 26.99 -2.35
CA LEU A 169 13.98 26.21 -3.49
C LEU A 169 14.95 26.32 -4.66
N TYR A 170 14.85 25.36 -5.57
CA TYR A 170 15.76 25.25 -6.71
C TYR A 170 15.05 24.42 -7.77
N PHE A 171 14.67 25.06 -8.87
CA PHE A 171 13.92 24.40 -9.94
C PHE A 171 14.80 24.20 -11.17
N ILE A 172 14.63 23.05 -11.82
CA ILE A 172 15.28 22.74 -13.08
C ILE A 172 14.20 22.59 -14.13
N ARG A 173 14.44 23.14 -15.32
CA ARG A 173 13.46 23.13 -16.41
C ARG A 173 14.02 22.36 -17.60
N ASP A 174 13.10 21.76 -18.35
CA ASP A 174 13.41 21.01 -19.56
C ASP A 174 12.63 21.57 -20.73
N ARG A 175 13.08 21.22 -21.94
CA ARG A 175 12.24 21.44 -23.11
C ARG A 175 11.07 20.46 -23.13
N GLU A 176 11.25 19.27 -22.55
CA GLU A 176 10.14 18.34 -22.41
C GLU A 176 9.08 18.86 -21.45
N GLU A 177 9.51 19.41 -20.30
CA GLU A 177 8.55 19.93 -19.34
C GLU A 177 7.82 21.14 -19.90
N ARG A 178 8.52 22.02 -20.61
CA ARG A 178 7.87 23.19 -21.18
C ARG A 178 6.96 22.81 -22.34
N SER A 179 7.28 21.75 -23.08
CA SER A 179 6.39 21.28 -24.13
C SER A 179 5.02 20.92 -23.57
N LEU A 180 4.97 20.48 -22.31
CA LEU A 180 3.71 20.31 -21.61
C LEU A 180 3.18 21.68 -21.23
N ASN A 181 2.00 22.04 -21.75
CA ASN A 181 1.41 23.34 -21.48
C ASN A 181 0.91 23.41 -20.04
N LEU A 182 1.82 23.28 -19.08
CA LEU A 182 1.45 23.22 -17.67
C LEU A 182 1.14 24.62 -17.14
N PRO A 183 0.35 24.72 -16.07
CA PRO A 183 0.15 26.01 -15.40
C PRO A 183 1.49 26.61 -15.00
N LYS A 184 1.77 27.81 -15.51
CA LYS A 184 3.06 28.46 -15.33
C LYS A 184 2.86 29.85 -14.77
N GLY A 185 3.96 30.57 -14.58
CA GLY A 185 3.88 31.95 -14.12
C GLY A 185 3.33 32.02 -12.71
N GLU A 186 2.39 32.94 -12.51
CA GLU A 186 1.74 33.08 -11.21
C GLU A 186 0.83 31.91 -10.88
N TYR A 187 0.53 31.05 -11.84
CA TYR A 187 -0.33 29.90 -11.63
C TYR A 187 0.45 28.64 -11.28
N GLU A 188 1.77 28.75 -11.15
CA GLU A 188 2.61 27.71 -10.56
C GLU A 188 3.08 28.24 -9.21
N ILE A 189 2.60 27.63 -8.14
CA ILE A 189 2.84 28.12 -6.78
C ILE A 189 3.62 27.06 -6.02
N PRO A 190 4.76 27.39 -5.42
CA PRO A 190 5.47 26.43 -4.58
C PRO A 190 4.99 26.47 -3.15
N LEU A 191 4.91 25.28 -2.53
CA LEU A 191 4.43 25.13 -1.16
C LEU A 191 5.53 24.49 -0.33
N LEU A 192 6.38 25.32 0.28
CA LEU A 192 7.42 24.85 1.18
C LEU A 192 6.81 24.77 2.58
N ILE A 193 6.31 23.59 2.92
CA ILE A 193 5.56 23.38 4.17
C ILE A 193 6.53 23.00 5.28
N GLN A 194 6.41 23.65 6.43
CA GLN A 194 7.25 23.37 7.58
C GLN A 194 6.45 23.55 8.86
N ASP A 195 6.93 22.92 9.93
CA ASP A 195 6.32 23.05 11.25
C ASP A 195 7.33 23.66 12.21
N LYS A 196 6.84 24.51 13.12
CA LYS A 196 7.70 25.22 14.05
C LYS A 196 6.94 25.50 15.34
N SER A 197 7.69 25.91 16.35
CA SER A 197 7.13 26.36 17.62
C SER A 197 7.79 27.67 18.02
N PHE A 198 7.03 28.52 18.70
CA PHE A 198 7.48 29.87 19.00
C PHE A 198 7.31 30.15 20.49
N HIS A 199 8.25 30.93 21.03
CA HIS A 199 8.06 31.55 22.33
C HIS A 199 7.11 32.73 22.21
N GLU A 200 6.70 33.27 23.36
CA GLU A 200 6.03 34.57 23.35
C GLU A 200 6.94 35.64 22.80
N ASP A 201 8.26 35.42 22.91
CA ASP A 201 9.25 36.32 22.31
C ASP A 201 9.04 36.49 20.81
N GLY A 202 8.40 35.51 20.15
CA GLY A 202 8.40 35.43 18.72
C GLY A 202 9.56 34.65 18.14
N SER A 203 10.54 34.31 18.97
CA SER A 203 11.70 33.56 18.52
C SER A 203 11.37 32.07 18.42
N LEU A 204 12.25 31.34 17.74
CA LEU A 204 12.06 29.91 17.57
C LEU A 204 12.30 29.18 18.88
N PHE A 205 11.45 28.20 19.18
CA PHE A 205 11.66 27.30 20.30
C PHE A 205 12.19 25.97 19.78
N TYR A 206 13.32 25.53 20.33
CA TYR A 206 13.87 24.22 20.05
C TYR A 206 14.35 23.67 21.38
N PRO A 207 13.99 22.43 21.73
CA PRO A 207 14.26 21.94 23.08
C PRO A 207 15.76 21.76 23.34
N ARG A 208 16.17 22.13 24.55
CA ARG A 208 17.55 21.92 24.96
C ARG A 208 17.82 20.47 25.35
N GLN A 209 16.83 19.79 25.91
CA GLN A 209 16.98 18.44 26.41
C GLN A 209 15.66 17.71 26.22
N PRO A 210 15.65 16.37 26.35
CA PRO A 210 14.37 15.64 26.39
C PRO A 210 13.45 16.10 27.51
N ASP A 211 12.29 15.44 27.63
CA ASP A 211 11.21 15.95 28.48
C ASP A 211 11.63 16.03 29.95
N ASN A 212 12.03 14.90 30.53
CA ASN A 212 12.47 14.85 31.92
C ASN A 212 13.98 14.61 31.94
N PRO A 213 14.79 15.66 31.84
CA PRO A 213 16.25 15.46 31.71
C PRO A 213 16.86 15.02 33.02
N SER A 214 17.51 13.86 33.00
CA SER A 214 18.26 13.39 34.15
C SER A 214 19.41 14.36 34.45
N PRO A 215 19.88 14.39 35.70
CA PRO A 215 20.92 15.38 36.05
C PRO A 215 22.20 15.27 35.22
N ASP A 216 22.80 14.08 35.16
CA ASP A 216 24.06 13.92 34.43
C ASP A 216 23.86 13.87 32.92
N LEU A 217 22.64 13.97 32.43
CA LEU A 217 22.42 14.08 31.00
C LEU A 217 23.07 15.34 30.47
N PRO A 218 23.71 15.30 29.31
CA PRO A 218 24.36 16.52 28.78
C PRO A 218 23.36 17.65 28.58
N ASP A 219 23.87 18.87 28.68
CA ASP A 219 23.05 20.07 28.56
C ASP A 219 23.76 21.06 27.66
N PRO A 220 23.25 21.35 26.46
CA PRO A 220 22.02 20.80 25.84
C PRO A 220 22.15 19.34 25.45
N SER A 221 21.03 18.71 25.11
CA SER A 221 21.01 17.31 24.68
C SER A 221 20.11 17.17 23.47
N ILE A 222 20.56 16.39 22.50
CA ILE A 222 19.76 16.16 21.29
C ILE A 222 18.54 15.32 21.63
N VAL A 223 17.42 15.63 21.01
CA VAL A 223 16.18 14.87 21.19
C VAL A 223 16.04 13.89 20.03
N PRO A 224 15.40 12.74 20.24
CA PRO A 224 15.24 11.80 19.11
C PRO A 224 14.29 12.31 18.04
N ALA A 225 13.35 13.18 18.39
CA ALA A 225 12.41 13.72 17.43
C ALA A 225 11.87 15.03 17.93
N PHE A 226 11.67 15.98 17.01
CA PHE A 226 11.05 17.26 17.32
C PHE A 226 10.05 17.62 16.23
N CYS A 227 8.95 18.23 16.65
CA CYS A 227 7.95 18.72 15.72
C CYS A 227 7.19 19.87 16.39
N GLY A 228 6.99 20.94 15.65
CA GLY A 228 6.36 22.11 16.22
C GLY A 228 4.85 22.02 16.18
N ASP A 229 4.22 22.90 16.97
CA ASP A 229 2.76 22.96 17.05
C ASP A 229 2.15 23.88 15.99
N THR A 230 2.98 24.56 15.20
CA THR A 230 2.51 25.55 14.24
C THR A 230 3.01 25.19 12.85
N ILE A 231 2.13 25.28 11.87
CA ILE A 231 2.46 24.92 10.49
C ILE A 231 2.70 26.19 9.68
N LEU A 232 3.79 26.22 8.93
CA LEU A 232 4.14 27.34 8.07
C LEU A 232 4.20 26.89 6.63
N VAL A 233 3.89 27.80 5.71
CA VAL A 233 4.05 27.59 4.28
C VAL A 233 4.78 28.81 3.71
N ASN A 234 5.92 28.57 3.08
CA ASN A 234 6.76 29.64 2.53
C ASN A 234 7.10 30.68 3.60
N GLY A 235 7.35 30.20 4.82
CA GLY A 235 7.76 31.08 5.90
C GLY A 235 6.66 31.92 6.49
N LYS A 236 5.40 31.47 6.40
CA LYS A 236 4.28 32.20 6.95
C LYS A 236 3.37 31.25 7.70
N VAL A 237 3.02 31.63 8.94
CA VAL A 237 2.18 30.79 9.79
C VAL A 237 0.76 30.75 9.23
N TRP A 238 0.27 29.53 8.95
CA TRP A 238 -1.05 29.23 8.41
C TRP A 238 -1.53 30.32 7.45
N PRO A 239 -0.87 30.53 6.33
CA PRO A 239 -1.19 31.66 5.46
C PRO A 239 -2.46 31.39 4.66
N TYR A 240 -2.81 32.36 3.82
CA TYR A 240 -3.91 32.20 2.89
C TYR A 240 -3.50 32.76 1.53
N ASP A 241 -4.24 32.37 0.50
CA ASP A 241 -3.93 32.80 -0.85
C ASP A 241 -5.24 32.93 -1.62
N GLU A 242 -5.36 34.00 -2.41
CA GLU A 242 -6.53 34.25 -3.24
C GLU A 242 -6.22 33.82 -4.67
N LEU A 243 -6.98 32.85 -5.15
CA LEU A 243 -6.74 32.26 -6.47
C LEU A 243 -7.94 32.52 -7.38
N GLU A 244 -7.74 32.20 -8.66
CA GLU A 244 -8.72 32.26 -9.73
C GLU A 244 -9.30 30.88 -9.99
N PRO A 245 -10.57 30.79 -10.39
CA PRO A 245 -11.17 29.47 -10.65
C PRO A 245 -10.61 28.81 -11.89
N ARG A 246 -9.42 28.23 -11.79
CA ARG A 246 -8.76 27.59 -12.92
C ARG A 246 -7.80 26.53 -12.40
N LYS A 247 -6.93 26.05 -13.27
CA LYS A 247 -5.95 25.03 -12.92
C LYS A 247 -4.67 25.68 -12.42
N TYR A 248 -4.16 25.17 -11.29
CA TYR A 248 -2.90 25.61 -10.72
C TYR A 248 -1.92 24.45 -10.65
N ARG A 249 -0.65 24.79 -10.52
CA ARG A 249 0.43 23.81 -10.35
C ARG A 249 1.11 24.09 -9.03
N PHE A 250 1.04 23.14 -8.11
CA PHE A 250 1.66 23.28 -6.78
C PHE A 250 2.91 22.42 -6.72
N ARG A 251 4.04 23.06 -6.44
CA ARG A 251 5.31 22.36 -6.22
C ARG A 251 5.48 22.25 -4.70
N ILE A 252 5.00 21.13 -4.15
CA ILE A 252 4.94 20.94 -2.70
C ILE A 252 6.24 20.33 -2.20
N LEU A 253 6.74 20.87 -1.09
CA LEU A 253 7.94 20.36 -0.45
C LEU A 253 7.73 20.32 1.06
N ASN A 254 8.08 19.20 1.67
CA ASN A 254 8.08 19.07 3.13
C ASN A 254 9.50 19.28 3.62
N ALA A 255 9.76 20.44 4.21
CA ALA A 255 11.08 20.79 4.74
C ALA A 255 11.08 20.82 6.27
N SER A 256 10.24 20.00 6.89
CA SER A 256 10.25 19.87 8.34
C SER A 256 11.46 19.06 8.79
N ASN A 257 11.73 19.11 10.10
CA ASN A 257 12.80 18.29 10.66
C ASN A 257 12.38 16.83 10.82
N THR A 258 11.09 16.58 11.05
CA THR A 258 10.63 15.25 11.42
C THR A 258 9.24 14.95 10.89
N ARG A 259 8.35 15.95 10.92
CA ARG A 259 6.93 15.73 10.73
C ARG A 259 6.61 15.21 9.33
N ILE A 260 5.84 14.13 9.28
CA ILE A 260 5.28 13.60 8.04
C ILE A 260 3.86 14.13 7.89
N PHE A 261 3.54 14.62 6.70
CA PHE A 261 2.22 15.18 6.43
C PHE A 261 1.35 14.18 5.66
N GLU A 262 0.04 14.33 5.83
CA GLU A 262 -0.95 13.63 5.01
C GLU A 262 -1.94 14.70 4.55
N LEU A 263 -1.61 15.35 3.44
CA LEU A 263 -2.37 16.51 2.98
C LEU A 263 -3.64 16.09 2.26
N TYR A 264 -4.69 16.88 2.44
CA TYR A 264 -5.94 16.66 1.72
C TYR A 264 -6.74 17.95 1.73
N PHE A 265 -7.62 18.09 0.74
CA PHE A 265 -8.51 19.23 0.66
C PHE A 265 -9.82 18.94 1.39
N ASP A 266 -10.35 19.95 2.08
CA ASP A 266 -11.60 19.79 2.80
C ASP A 266 -12.82 19.79 1.87
N HIS A 267 -12.64 20.04 0.58
CA HIS A 267 -13.67 19.87 -0.42
C HIS A 267 -13.33 18.68 -1.30
N ASP A 268 -14.31 18.23 -2.08
CA ASP A 268 -14.11 17.11 -2.98
C ASP A 268 -13.23 17.52 -4.16
N ILE A 269 -12.02 17.96 -3.88
CA ILE A 269 -11.07 18.40 -4.90
C ILE A 269 -9.86 17.47 -4.85
N THR A 270 -9.41 17.04 -6.02
CA THR A 270 -8.42 15.98 -6.14
C THR A 270 -7.07 16.56 -6.57
N PHE A 271 -5.99 16.01 -6.01
CA PHE A 271 -4.65 16.28 -6.51
C PHE A 271 -4.40 15.44 -7.75
N HIS A 272 -3.84 16.06 -8.78
CA HIS A 272 -3.38 15.35 -9.96
C HIS A 272 -1.85 15.45 -9.98
N GLN A 273 -1.19 14.41 -9.48
CA GLN A 273 0.25 14.44 -9.35
C GLN A 273 0.92 14.11 -10.68
N ILE A 274 1.84 14.99 -11.10
CA ILE A 274 2.53 14.83 -12.36
C ILE A 274 4.02 14.58 -12.21
N GLY A 275 4.56 14.70 -11.00
CA GLY A 275 5.99 14.52 -10.81
C GLY A 275 6.34 14.21 -9.39
N THR A 276 7.54 13.64 -9.21
CA THR A 276 8.04 13.31 -7.88
C THR A 276 9.39 13.99 -7.65
N ASP A 277 10.21 13.42 -6.76
CA ASP A 277 11.50 14.03 -6.44
C ASP A 277 12.37 14.15 -7.66
N GLY A 278 12.42 13.11 -8.49
CA GLY A 278 13.35 13.05 -9.60
C GLY A 278 12.88 13.73 -10.87
N GLY A 279 11.58 13.93 -11.02
CA GLY A 279 11.04 14.61 -12.18
C GLY A 279 9.63 14.15 -12.48
N LEU A 280 9.27 14.30 -13.75
CA LEU A 280 7.91 14.03 -14.20
C LEU A 280 7.60 12.53 -14.14
N LEU A 281 6.34 12.23 -13.81
CA LEU A 281 5.83 10.88 -13.96
C LEU A 281 5.54 10.60 -15.43
N GLN A 282 5.13 9.37 -15.73
CA GLN A 282 4.77 9.05 -17.11
C GLN A 282 3.37 9.54 -17.45
N HIS A 283 2.43 9.42 -16.50
CA HIS A 283 1.06 9.86 -16.67
C HIS A 283 0.61 10.49 -15.35
N PRO A 284 -0.34 11.42 -15.39
CA PRO A 284 -0.86 11.99 -14.14
C PRO A 284 -1.51 10.91 -13.28
N VAL A 285 -1.46 11.12 -11.97
CA VAL A 285 -2.02 10.20 -10.99
C VAL A 285 -3.06 10.95 -10.17
N LYS A 286 -4.30 10.46 -10.20
CA LYS A 286 -5.41 11.07 -9.47
C LYS A 286 -5.36 10.58 -8.03
N VAL A 287 -4.93 11.45 -7.11
CA VAL A 287 -4.76 11.10 -5.70
C VAL A 287 -5.56 12.07 -4.84
N ASN A 288 -6.21 11.53 -3.81
CA ASN A 288 -6.97 12.35 -2.87
C ASN A 288 -6.15 12.82 -1.67
N GLU A 289 -5.07 12.12 -1.33
CA GLU A 289 -4.26 12.48 -0.18
C GLU A 289 -2.79 12.28 -0.52
N LEU A 290 -1.95 13.21 -0.06
CA LEU A 290 -0.51 13.16 -0.27
C LEU A 290 0.17 12.88 1.06
N VAL A 291 0.84 11.74 1.16
CA VAL A 291 1.71 11.44 2.30
C VAL A 291 3.11 11.87 1.92
N ILE A 292 3.59 12.95 2.54
CA ILE A 292 4.85 13.58 2.18
C ILE A 292 5.74 13.60 3.42
N ALA A 293 6.80 12.81 3.40
CA ALA A 293 7.78 12.80 4.47
C ALA A 293 8.76 13.95 4.29
N PRO A 294 9.59 14.24 5.29
CA PRO A 294 10.63 15.25 5.12
C PRO A 294 11.49 15.00 3.88
N ALA A 295 11.72 16.07 3.12
CA ALA A 295 12.53 16.15 1.92
C ALA A 295 11.83 15.61 0.67
N GLU A 296 10.65 15.01 0.80
CA GLU A 296 9.91 14.55 -0.37
C GLU A 296 9.22 15.71 -1.06
N ARG A 297 9.19 15.66 -2.39
CA ARG A 297 8.53 16.68 -3.19
C ARG A 297 7.40 16.05 -3.99
N CYS A 298 6.35 16.85 -4.25
CA CYS A 298 5.19 16.39 -5.01
C CYS A 298 4.77 17.49 -5.97
N ASP A 299 4.80 17.18 -7.27
CA ASP A 299 4.37 18.11 -8.31
C ASP A 299 2.94 17.77 -8.69
N ILE A 300 2.00 18.62 -8.32
CA ILE A 300 0.58 18.33 -8.46
C ILE A 300 -0.11 19.43 -9.25
N ILE A 301 -1.23 19.07 -9.89
CA ILE A 301 -2.11 20.00 -10.57
C ILE A 301 -3.46 19.93 -9.88
N VAL A 302 -4.02 21.10 -9.57
CA VAL A 302 -5.31 21.20 -8.90
C VAL A 302 -6.22 22.10 -9.72
N ASP A 303 -7.46 21.63 -9.95
CA ASP A 303 -8.43 22.33 -10.76
C ASP A 303 -9.46 23.00 -9.85
N PHE A 304 -9.46 24.33 -9.84
CA PHE A 304 -10.40 25.11 -9.05
C PHE A 304 -11.52 25.70 -9.89
N SER A 305 -11.68 25.25 -11.14
CA SER A 305 -12.66 25.87 -12.03
C SER A 305 -14.08 25.70 -11.52
N ARG A 306 -14.38 24.56 -10.90
CA ARG A 306 -15.70 24.29 -10.33
C ARG A 306 -15.84 24.80 -8.90
N ALA A 307 -14.99 25.75 -8.48
CA ALA A 307 -15.00 26.19 -7.09
C ALA A 307 -14.97 27.71 -6.93
N GLU A 308 -15.44 28.47 -7.92
CA GLU A 308 -15.43 29.92 -7.83
C GLU A 308 -16.27 30.39 -6.66
N GLY A 309 -15.65 31.12 -5.73
CA GLY A 309 -16.33 31.65 -4.57
C GLY A 309 -16.21 30.82 -3.31
N LYS A 310 -15.64 29.61 -3.41
CA LYS A 310 -15.53 28.74 -2.25
C LYS A 310 -14.21 28.99 -1.51
N THR A 311 -14.17 28.51 -0.27
CA THR A 311 -12.99 28.61 0.58
C THR A 311 -12.47 27.19 0.82
N VAL A 312 -11.39 26.84 0.12
CA VAL A 312 -10.82 25.50 0.16
C VAL A 312 -9.59 25.53 1.04
N THR A 313 -9.64 24.80 2.16
CA THR A 313 -8.53 24.74 3.10
C THR A 313 -7.71 23.47 2.84
N LEU A 314 -6.40 23.64 2.69
CA LEU A 314 -5.50 22.50 2.61
C LEU A 314 -5.30 21.94 4.02
N LYS A 315 -5.71 20.69 4.22
CA LYS A 315 -5.75 20.10 5.54
C LYS A 315 -4.68 19.03 5.70
N ASN A 316 -4.38 18.71 6.96
CA ASN A 316 -3.45 17.65 7.32
C ASN A 316 -4.17 16.67 8.23
N ARG A 317 -3.97 15.37 7.99
CA ARG A 317 -4.75 14.35 8.66
C ARG A 317 -4.08 13.80 9.91
N ILE A 318 -2.76 13.69 9.91
CA ILE A 318 -2.05 13.01 10.99
C ILE A 318 -1.24 14.01 11.80
N GLY A 319 -1.03 13.67 13.07
CA GLY A 319 -0.14 14.41 13.94
C GLY A 319 1.29 13.98 13.75
N CYS A 320 2.09 14.16 14.80
CA CYS A 320 3.52 13.87 14.78
C CYS A 320 3.86 12.39 14.98
N SER A 321 3.02 11.65 15.69
CA SER A 321 3.19 10.22 15.88
C SER A 321 2.20 9.41 15.06
N GLY A 322 1.64 10.00 14.01
CA GLY A 322 0.66 9.33 13.19
C GLY A 322 -0.76 9.37 13.73
N GLN A 323 -0.98 9.91 14.92
CA GLN A 323 -2.32 10.02 15.47
C GLN A 323 -3.13 11.05 14.70
N ASP A 324 -4.42 11.12 15.00
CA ASP A 324 -5.28 12.12 14.38
C ASP A 324 -4.78 13.52 14.69
N ALA A 325 -4.58 14.31 13.65
CA ALA A 325 -4.08 15.68 13.84
C ALA A 325 -5.07 16.50 14.65
N ASP A 326 -4.56 17.26 15.60
CA ASP A 326 -5.39 18.23 16.30
C ASP A 326 -5.84 19.29 15.31
N PRO A 327 -7.09 19.76 15.40
CA PRO A 327 -7.51 20.87 14.53
C PRO A 327 -6.73 22.16 14.75
N THR A 329 -5.40 22.03 14.91
CA THR A 329 -4.48 23.16 14.86
C THR A 329 -3.37 22.83 13.86
N ASP A 330 -2.74 21.67 14.01
CA ASP A 330 -1.81 21.16 13.00
C ASP A 330 -2.52 20.37 11.91
N ALA A 331 -3.85 20.26 11.98
CA ALA A 331 -4.65 19.72 10.89
C ALA A 331 -4.85 20.71 9.76
N ASN A 332 -4.36 21.93 9.93
CA ASN A 332 -4.44 22.96 8.91
C ASN A 332 -3.05 23.29 8.36
N ILE A 333 -2.98 23.37 7.04
CA ILE A 333 -1.78 23.82 6.33
C ILE A 333 -1.92 25.28 5.89
N MET A 334 -2.88 25.56 5.00
CA MET A 334 -3.16 26.93 4.57
C MET A 334 -4.55 26.94 3.93
N GLN A 335 -5.03 28.13 3.60
CA GLN A 335 -6.39 28.29 3.14
C GLN A 335 -6.40 29.00 1.79
N PHE A 336 -7.08 28.41 0.82
CA PHE A 336 -7.20 29.01 -0.51
C PHE A 336 -8.59 29.61 -0.66
N ARG A 337 -8.66 30.85 -1.13
CA ARG A 337 -9.91 31.57 -1.33
C ARG A 337 -10.06 31.83 -2.83
N ILE A 338 -10.98 31.12 -3.47
CA ILE A 338 -11.17 31.21 -4.92
C ILE A 338 -12.00 32.44 -5.23
N SER A 339 -11.47 33.63 -4.91
CA SER A 339 -12.20 34.87 -5.09
C SER A 339 -11.60 35.79 -6.15
N LYS A 340 -10.34 35.57 -6.55
CA LYS A 340 -9.75 36.38 -7.60
C LYS A 340 -10.48 36.12 -8.92
N PRO A 341 -10.89 37.16 -9.64
CA PRO A 341 -11.58 36.95 -10.92
C PRO A 341 -10.65 36.34 -11.95
N LEU A 342 -11.22 35.52 -12.82
CA LEU A 342 -10.46 34.86 -13.88
C LEU A 342 -9.97 35.91 -14.87
N LYS A 343 -8.68 36.21 -14.85
CA LYS A 343 -8.09 37.18 -15.76
C LYS A 343 -8.29 36.73 -17.21
N GLN A 344 -7.44 35.83 -17.68
CA GLN A 344 -7.56 35.27 -19.01
C GLN A 344 -8.15 33.86 -18.92
N LYS A 345 -8.53 33.32 -20.08
CA LYS A 345 -9.02 31.96 -20.13
C LYS A 345 -7.90 30.99 -19.79
N ASP A 346 -8.19 30.01 -18.93
CA ASP A 346 -7.21 29.00 -18.55
C ASP A 346 -7.00 28.06 -19.72
N THR A 347 -5.90 28.25 -20.45
CA THR A 347 -5.52 27.37 -21.54
C THR A 347 -4.39 26.42 -21.15
N SER A 348 -4.05 26.34 -19.87
CA SER A 348 -3.06 25.37 -19.42
C SER A 348 -3.58 23.95 -19.62
N SER A 349 -2.67 22.99 -19.60
CA SER A 349 -2.97 21.62 -19.99
C SER A 349 -2.68 20.64 -18.86
N LEU A 350 -3.43 19.54 -18.85
CA LEU A 350 -3.19 18.38 -18.01
C LEU A 350 -3.05 17.19 -18.95
N PRO A 351 -1.91 17.05 -19.62
CA PRO A 351 -1.79 16.03 -20.67
C PRO A 351 -1.77 14.62 -20.10
N ARG A 352 -2.25 13.68 -20.93
CA ARG A 352 -2.28 12.28 -20.52
C ARG A 352 -0.87 11.69 -20.42
N ILE A 353 0.02 12.08 -21.33
CA ILE A 353 1.41 11.63 -21.32
C ILE A 353 2.28 12.79 -20.86
N LEU A 354 3.23 12.49 -19.98
CA LEU A 354 4.12 13.50 -19.42
C LEU A 354 5.59 13.23 -19.65
N ARG A 355 5.95 12.16 -20.37
CA ARG A 355 7.36 11.79 -20.41
C ARG A 355 7.74 10.94 -21.61
N LYS A 356 6.87 10.01 -22.02
CA LYS A 356 7.16 9.05 -23.08
C LYS A 356 8.37 8.18 -22.73
N ARG A 357 9.52 8.82 -22.55
CA ARG A 357 10.77 8.08 -22.32
C ARG A 357 10.69 7.32 -21.00
N PRO A 358 11.20 6.10 -20.95
CA PRO A 358 11.18 5.33 -19.69
C PRO A 358 12.15 5.92 -18.68
N PHE A 359 12.05 5.39 -17.46
CA PHE A 359 12.93 5.83 -16.37
C PHE A 359 14.30 5.16 -16.46
N HIS A 363 18.08 -3.17 -15.59
CA HIS A 363 19.40 -3.45 -16.14
C HIS A 363 19.94 -4.77 -15.59
N LYS A 364 21.28 -4.86 -15.48
CA LYS A 364 21.89 -6.15 -15.18
C LYS A 364 21.88 -6.50 -13.70
N ILE A 365 21.82 -5.50 -12.81
CA ILE A 365 21.90 -5.69 -11.36
C ILE A 365 23.24 -6.32 -11.01
N ASN A 366 24.17 -5.51 -10.51
CA ASN A 366 25.51 -5.96 -10.20
C ASN A 366 25.73 -6.22 -8.71
N THR A 367 24.91 -5.65 -7.84
CA THR A 367 25.17 -5.70 -6.40
C THR A 367 23.85 -5.69 -5.64
N LEU A 368 23.83 -6.43 -4.54
CA LEU A 368 22.73 -6.43 -3.59
C LEU A 368 23.23 -5.96 -2.23
N ARG A 369 22.41 -5.18 -1.52
CA ARG A 369 22.80 -4.66 -0.21
C ARG A 369 21.64 -4.78 0.75
N ASN A 370 21.93 -5.26 1.95
CA ASN A 370 20.97 -5.27 3.06
C ASN A 370 21.41 -4.21 4.07
N LEU A 371 20.51 -3.29 4.39
CA LEU A 371 20.81 -2.19 5.28
C LEU A 371 19.70 -2.09 6.34
N SER A 372 20.10 -2.06 7.60
CA SER A 372 19.15 -2.10 8.71
C SER A 372 18.98 -0.71 9.31
N LEU A 373 17.75 -0.41 9.72
CA LEU A 373 17.42 0.80 10.45
C LEU A 373 17.16 0.41 11.90
N GLY A 374 17.98 0.92 12.82
CA GLY A 374 17.85 0.58 14.21
C GLY A 374 18.28 1.67 15.15
N ALA A 375 18.55 1.31 16.41
CA ALA A 375 18.94 2.29 17.41
C ALA A 375 19.68 1.59 18.54
N SER A 376 20.70 2.27 19.08
CA SER A 376 21.41 1.81 20.26
C SER A 376 21.40 2.91 21.31
N LEU A 377 21.74 2.54 22.53
CA LEU A 377 21.79 3.47 23.65
C LEU A 377 23.23 3.87 23.94
N ASP A 378 23.45 5.15 24.17
CA ASP A 378 24.77 5.65 24.54
C ASP A 378 24.92 5.62 26.06
N GLN A 379 26.02 6.18 26.57
CA GLN A 379 26.29 6.12 28.00
C GLN A 379 25.29 6.92 28.82
N TYR A 380 24.63 7.92 28.22
CA TYR A 380 23.66 8.72 28.92
C TYR A 380 22.25 8.16 28.82
N GLY A 381 22.07 7.01 28.16
CA GLY A 381 20.76 6.45 27.98
C GLY A 381 19.98 7.00 26.79
N ARG A 382 20.62 7.82 25.95
CA ARG A 382 19.94 8.38 24.80
C ARG A 382 19.93 7.39 23.64
N PRO A 383 18.85 7.33 22.86
CA PRO A 383 18.84 6.47 21.68
C PRO A 383 19.72 7.03 20.58
N VAL A 384 20.59 6.19 20.04
CA VAL A 384 21.47 6.54 18.95
C VAL A 384 20.95 5.80 17.72
N LEU A 385 20.22 6.51 16.85
CA LEU A 385 19.71 5.90 15.64
C LEU A 385 20.83 5.67 14.65
N LEU A 386 20.87 4.48 14.05
CA LEU A 386 22.02 4.04 13.28
C LEU A 386 21.58 3.36 12.00
N LEU A 387 22.46 3.42 11.00
CA LEU A 387 22.33 2.66 9.77
C LEU A 387 23.28 1.47 9.84
N ASN A 388 22.74 0.26 9.74
CA ASN A 388 23.51 -0.97 9.87
C ASN A 388 24.27 -1.03 11.19
N ASN A 389 23.67 -0.47 12.25
CA ASN A 389 24.26 -0.48 13.60
C ASN A 389 25.69 0.06 13.57
N THR A 390 25.94 1.03 12.70
CA THR A 390 27.28 1.51 12.42
C THR A 390 27.31 3.03 12.53
N LYS A 391 28.26 3.55 13.30
CA LYS A 391 28.34 4.99 13.51
C LYS A 391 28.91 5.68 12.27
N TRP A 392 28.81 7.01 12.27
CA TRP A 392 29.32 7.81 11.16
C TRP A 392 30.84 7.78 11.10
N HIS A 393 31.51 7.72 12.25
CA HIS A 393 32.96 7.69 12.28
C HIS A 393 33.54 6.45 11.61
N GLU A 394 32.77 5.37 11.54
CA GLU A 394 33.29 4.09 11.09
C GLU A 394 33.67 4.13 9.61
N PRO A 395 34.53 3.20 9.17
CA PRO A 395 34.93 3.16 7.76
C PRO A 395 33.73 2.96 6.83
N VAL A 396 33.92 3.36 5.57
CA VAL A 396 32.83 3.30 4.60
C VAL A 396 32.58 1.87 4.17
N THR A 397 31.31 1.52 4.02
CA THR A 397 30.91 0.18 3.59
C THR A 397 30.05 0.18 2.34
N GLU A 398 29.26 1.23 2.11
CA GLU A 398 28.45 1.34 0.91
C GLU A 398 29.34 1.89 -0.20
N THR A 399 29.97 0.97 -0.95
CA THR A 399 30.94 1.31 -1.98
C THR A 399 30.49 0.75 -3.33
N PRO A 400 29.51 1.37 -3.97
CA PRO A 400 29.14 0.94 -5.32
C PRO A 400 30.14 1.44 -6.36
N ALA A 401 30.22 0.69 -7.46
CA ALA A 401 31.11 1.05 -8.55
C ALA A 401 30.41 2.02 -9.50
N LEU A 402 31.21 2.89 -10.12
CA LEU A 402 30.68 3.89 -11.05
C LEU A 402 29.96 3.21 -12.22
N GLY A 403 28.66 3.42 -12.30
CA GLY A 403 27.84 2.79 -13.33
C GLY A 403 27.12 1.54 -12.90
N SER A 404 27.33 1.08 -11.66
CA SER A 404 26.67 -0.12 -11.19
C SER A 404 25.21 0.15 -10.86
N THR A 405 24.36 -0.83 -11.16
CA THR A 405 22.96 -0.82 -10.76
C THR A 405 22.79 -1.79 -9.60
N GLU A 406 22.28 -1.28 -8.48
CA GLU A 406 22.15 -2.06 -7.26
C GLU A 406 20.70 -2.03 -6.77
N ILE A 407 20.34 -3.08 -6.03
CA ILE A 407 19.09 -3.12 -5.27
C ILE A 407 19.43 -3.06 -3.79
N TRP A 408 18.96 -2.01 -3.13
CA TRP A 408 19.14 -1.85 -1.70
C TRP A 408 17.90 -2.36 -0.97
N SER A 409 18.09 -3.29 -0.05
CA SER A 409 17.03 -3.76 0.83
C SER A 409 17.17 -3.04 2.16
N ILE A 410 16.25 -2.12 2.44
CA ILE A 410 16.30 -1.28 3.63
C ILE A 410 15.36 -1.90 4.66
N ILE A 411 15.94 -2.37 5.77
CA ILE A 411 15.24 -3.17 6.77
C ILE A 411 14.96 -2.28 7.97
N ASN A 412 13.69 -1.92 8.17
CA ASN A 412 13.29 -1.02 9.25
C ASN A 412 12.74 -1.87 10.40
N ALA A 413 13.57 -2.07 11.42
CA ALA A 413 13.16 -2.77 12.63
C ALA A 413 12.72 -1.82 13.73
N GLY A 414 12.36 -0.58 13.37
CA GLY A 414 11.93 0.41 14.33
C GLY A 414 10.41 0.50 14.43
N ARG A 415 9.97 1.46 15.24
CA ARG A 415 8.56 1.63 15.54
C ARG A 415 7.84 2.51 14.52
N ALA A 416 8.56 3.41 13.84
CA ALA A 416 7.93 4.39 12.97
C ALA A 416 8.69 4.48 11.66
N ILE A 417 8.13 5.27 10.75
CA ILE A 417 8.69 5.42 9.40
C ILE A 417 10.04 6.13 9.48
N HIS A 418 10.96 5.72 8.61
CA HIS A 418 12.22 6.43 8.39
C HIS A 418 12.27 6.90 6.95
N PRO A 419 12.32 8.20 6.68
CA PRO A 419 12.50 8.66 5.30
C PRO A 419 13.98 8.63 4.89
N ILE A 420 14.39 7.54 4.26
CA ILE A 420 15.80 7.35 3.91
C ILE A 420 16.10 8.09 2.61
N HIS A 421 17.22 8.81 2.60
CA HIS A 421 17.62 9.63 1.46
C HIS A 421 19.01 9.23 0.99
N LEU A 422 19.19 9.13 -0.32
CA LEU A 422 20.48 8.88 -0.95
C LEU A 422 20.89 10.09 -1.78
N HIS A 423 22.16 10.45 -1.70
CA HIS A 423 22.66 11.58 -2.47
C HIS A 423 22.96 11.14 -3.91
N LEU A 424 23.28 12.13 -4.75
CA LEU A 424 23.70 11.93 -6.14
C LEU A 424 22.59 11.34 -7.02
N VAL A 425 22.11 10.15 -6.68
CA VAL A 425 21.28 9.39 -7.62
C VAL A 425 19.80 9.66 -7.42
N GLN A 426 19.00 9.22 -8.40
CA GLN A 426 17.55 9.11 -8.29
C GLN A 426 17.20 7.65 -8.50
N PHE A 427 16.50 7.06 -7.54
CA PHE A 427 16.22 5.63 -7.56
C PHE A 427 14.73 5.38 -7.86
N LEU A 428 14.39 4.10 -7.97
CA LEU A 428 13.01 3.66 -8.13
C LEU A 428 12.64 2.75 -6.97
N ILE A 429 11.42 2.89 -6.47
CA ILE A 429 10.94 2.07 -5.37
C ILE A 429 10.37 0.78 -5.94
N LEU A 430 10.88 -0.36 -5.47
CA LEU A 430 10.46 -1.67 -5.98
C LEU A 430 9.22 -2.18 -5.25
N ASP A 431 9.32 -2.41 -3.94
CA ASP A 431 8.21 -2.96 -3.17
C ASP A 431 8.51 -2.82 -1.69
N HIS A 432 7.47 -2.99 -0.88
CA HIS A 432 7.56 -3.09 0.57
C HIS A 432 7.05 -4.45 1.01
N ARG A 433 7.66 -5.01 2.05
CA ARG A 433 7.28 -6.34 2.50
C ARG A 433 7.58 -6.49 3.99
N PRO A 434 6.63 -6.99 4.77
CA PRO A 434 6.85 -7.14 6.21
C PRO A 434 7.70 -8.38 6.53
N PHE A 435 8.36 -8.31 7.69
CA PHE A 435 9.23 -9.39 8.12
C PHE A 435 9.06 -9.61 9.63
N ASP A 436 9.69 -10.68 10.11
CA ASP A 436 9.58 -11.07 11.51
C ASP A 436 10.54 -10.23 12.35
N ILE A 437 9.99 -9.35 13.18
CA ILE A 437 10.81 -8.47 13.99
C ILE A 437 11.56 -9.27 15.06
N GLU A 438 10.87 -10.19 15.73
CA GLU A 438 11.50 -10.96 16.81
C GLU A 438 12.64 -11.81 16.28
N ARG A 439 12.42 -12.51 15.16
CA ARG A 439 13.48 -13.32 14.56
C ARG A 439 14.65 -12.45 14.14
N TYR A 440 14.39 -11.19 13.77
CA TYR A 440 15.43 -10.30 13.29
C TYR A 440 16.34 -9.81 14.42
N GLN A 441 15.78 -9.55 15.60
CA GLN A 441 16.56 -9.04 16.71
C GLN A 441 17.34 -10.12 17.45
N GLU A 442 16.91 -11.38 17.36
CA GLU A 442 17.57 -12.46 18.06
C GLU A 442 18.54 -13.25 17.18
N ASN A 443 18.33 -13.25 15.87
CA ASN A 443 19.13 -14.05 14.95
C ASN A 443 19.76 -13.27 13.81
N GLY A 444 19.28 -12.07 13.52
CA GLY A 444 19.68 -11.37 12.32
C GLY A 444 19.05 -11.92 11.05
N GLU A 445 18.19 -12.92 11.16
CA GLU A 445 17.56 -13.52 9.99
C GLU A 445 16.40 -12.66 9.50
N LEU A 446 16.28 -12.56 8.19
CA LEU A 446 15.21 -11.79 7.55
C LEU A 446 14.18 -12.79 7.05
N VAL A 447 13.19 -13.08 7.89
CA VAL A 447 12.08 -13.96 7.56
C VAL A 447 10.86 -13.10 7.29
N PHE A 448 10.33 -13.19 6.07
CA PHE A 448 9.17 -12.39 5.71
C PHE A 448 7.90 -13.01 6.26
N THR A 449 6.91 -12.16 6.55
CA THR A 449 5.68 -12.58 7.19
C THR A 449 4.44 -12.15 6.41
N GLY A 450 4.59 -11.73 5.16
CA GLY A 450 3.48 -11.27 4.37
C GLY A 450 3.85 -10.99 2.92
N PRO A 451 2.85 -10.73 2.09
CA PRO A 451 3.11 -10.51 0.68
C PRO A 451 3.77 -9.16 0.42
N ALA A 452 4.50 -9.09 -0.68
CA ALA A 452 5.14 -7.84 -1.09
C ALA A 452 4.11 -6.91 -1.70
N ALA A 453 4.28 -5.62 -1.46
CA ALA A 453 3.36 -4.61 -1.95
C ALA A 453 4.14 -3.56 -2.74
N PRO A 454 3.72 -3.25 -3.97
CA PRO A 454 4.40 -2.20 -4.73
C PRO A 454 4.12 -0.83 -4.13
N PRO A 455 4.93 0.17 -4.44
CA PRO A 455 4.63 1.52 -3.97
C PRO A 455 3.35 2.04 -4.61
N ALA A 456 2.76 3.04 -3.96
CA ALA A 456 1.59 3.69 -4.51
C ALA A 456 1.91 4.28 -5.89
N GLN A 457 0.87 4.43 -6.71
CA GLN A 457 1.07 4.84 -8.09
C GLN A 457 1.77 6.19 -8.19
N ASN A 458 1.50 7.10 -7.24
CA ASN A 458 2.15 8.40 -7.26
C ASN A 458 3.56 8.38 -6.71
N GLU A 459 4.10 7.20 -6.37
CA GLU A 459 5.50 7.06 -5.99
C GLU A 459 6.24 6.08 -6.90
N LYS A 460 5.72 5.86 -8.10
CA LYS A 460 6.36 4.99 -9.09
C LYS A 460 7.46 5.69 -9.87
N GLY A 461 7.64 7.00 -9.69
CA GLY A 461 8.61 7.76 -10.45
C GLY A 461 9.95 7.86 -9.76
N LEU A 462 10.81 8.69 -10.33
CA LEU A 462 12.15 8.89 -9.80
C LEU A 462 12.09 9.62 -8.46
N LYS A 463 12.73 9.05 -7.44
CA LYS A 463 12.73 9.62 -6.11
C LYS A 463 14.13 9.47 -5.50
N ASP A 464 14.44 10.38 -4.57
CA ASP A 464 15.68 10.30 -3.80
C ASP A 464 15.42 10.12 -2.31
N THR A 465 14.16 10.13 -1.87
CA THR A 465 13.79 9.92 -0.48
C THR A 465 12.58 9.01 -0.44
N VAL A 466 12.66 7.94 0.35
CA VAL A 466 11.60 6.93 0.39
C VAL A 466 11.19 6.70 1.83
N LYS A 467 9.87 6.61 2.05
CA LYS A 467 9.33 6.25 3.36
C LYS A 467 9.45 4.74 3.54
N VAL A 468 10.27 4.33 4.51
CA VAL A 468 10.46 2.92 4.82
C VAL A 468 9.52 2.56 5.97
N PRO A 469 8.48 1.75 5.74
CA PRO A 469 7.49 1.50 6.79
C PRO A 469 8.09 0.73 7.96
N PRO A 470 7.49 0.84 9.14
CA PRO A 470 8.01 0.09 10.30
C PRO A 470 7.70 -1.39 10.17
N GLY A 471 8.68 -2.21 10.55
CA GLY A 471 8.53 -3.65 10.46
C GLY A 471 8.49 -4.18 9.04
N SER A 472 8.98 -3.42 8.07
CA SER A 472 8.97 -3.82 6.68
C SER A 472 10.33 -3.57 6.05
N VAL A 473 10.57 -4.23 4.92
CA VAL A 473 11.77 -4.05 4.13
C VAL A 473 11.38 -3.30 2.85
N THR A 474 12.08 -2.19 2.58
CA THR A 474 11.84 -1.39 1.39
C THR A 474 12.99 -1.62 0.42
N ARG A 475 12.65 -2.05 -0.79
CA ARG A 475 13.63 -2.29 -1.85
C ARG A 475 13.63 -1.12 -2.82
N ILE A 476 14.83 -0.62 -3.14
CA ILE A 476 15.01 0.41 -4.15
C ILE A 476 16.09 -0.05 -5.11
N ILE A 477 15.96 0.34 -6.37
CA ILE A 477 16.99 0.08 -7.38
C ILE A 477 17.62 1.40 -7.76
N ALA A 478 18.95 1.42 -7.85
CA ALA A 478 19.69 2.65 -8.07
C ALA A 478 20.89 2.39 -8.97
N THR A 479 21.15 3.33 -9.87
CA THR A 479 22.32 3.30 -10.75
C THR A 479 23.22 4.45 -10.34
N PHE A 480 24.38 4.13 -9.79
CA PHE A 480 25.28 5.14 -9.23
C PHE A 480 26.11 5.74 -10.35
N ALA A 481 25.67 6.89 -10.85
CA ALA A 481 26.25 7.54 -12.00
C ALA A 481 25.83 9.01 -11.98
N PRO A 482 26.53 9.88 -12.72
CA PRO A 482 27.72 9.64 -13.55
C PRO A 482 29.01 10.09 -12.88
N TYR A 483 28.94 10.54 -11.63
CA TYR A 483 30.11 11.03 -10.92
C TYR A 483 30.54 10.00 -9.87
N SER A 484 31.84 9.90 -9.67
CA SER A 484 32.42 9.06 -8.62
C SER A 484 33.00 9.95 -7.52
N GLY A 485 33.13 9.36 -6.34
CA GLY A 485 33.71 10.08 -5.22
C GLY A 485 32.90 9.86 -3.96
N ARG A 486 33.02 10.82 -3.04
CA ARG A 486 32.49 10.70 -1.69
C ARG A 486 31.14 11.40 -1.59
N TYR A 487 30.09 10.63 -1.32
CA TYR A 487 28.77 11.17 -1.00
C TYR A 487 28.32 10.62 0.34
N VAL A 488 27.05 10.84 0.70
CA VAL A 488 26.48 10.29 1.92
C VAL A 488 25.05 9.83 1.65
N TRP A 489 24.57 8.95 2.51
CA TRP A 489 23.17 8.57 2.55
C TRP A 489 22.75 8.52 4.02
N HIS A 490 21.48 8.83 4.27
CA HIS A 490 21.04 8.99 5.65
C HIS A 490 19.51 9.05 5.69
N CYS A 491 18.98 8.99 6.90
CA CYS A 491 17.58 9.32 7.14
C CYS A 491 17.42 10.84 7.21
N HIS A 492 16.36 11.35 6.59
CA HIS A 492 16.19 12.79 6.50
C HIS A 492 15.39 13.37 7.66
N ILE A 493 15.14 12.60 8.71
CA ILE A 493 14.73 13.16 9.99
C ILE A 493 15.98 13.72 10.65
N LEU A 494 16.11 15.05 10.68
CA LEU A 494 17.37 15.67 11.06
C LEU A 494 17.78 15.32 12.48
N GLU A 495 16.80 15.11 13.36
CA GLU A 495 17.13 14.66 14.71
C GLU A 495 17.73 13.26 14.71
N HIS A 496 17.39 12.44 13.71
CA HIS A 496 18.03 11.14 13.54
C HIS A 496 19.37 11.27 12.83
N GLU A 497 19.43 12.10 11.78
CA GLU A 497 20.64 12.21 10.97
C GLU A 497 21.81 12.69 11.80
N ASP A 498 21.61 13.70 12.65
CA ASP A 498 22.70 14.26 13.43
C ASP A 498 23.23 13.30 14.49
N TYR A 499 22.46 12.28 14.86
CA TYR A 499 22.90 11.38 15.92
C TYR A 499 22.13 10.06 15.88
N ASP A 500 22.56 9.11 15.06
CA ASP A 500 23.69 9.30 14.14
C ASP A 500 23.38 8.55 12.84
N MET A 501 22.16 8.69 12.37
CA MET A 501 21.66 7.89 11.25
C MET A 501 22.18 8.40 9.91
N MET A 502 23.50 8.58 9.79
CA MET A 502 24.11 9.04 8.55
C MET A 502 25.38 8.24 8.30
N ARG A 503 25.61 7.89 7.03
CA ARG A 503 26.73 7.06 6.64
C ARG A 503 27.33 7.56 5.34
N PRO A 504 28.64 7.39 5.15
CA PRO A 504 29.26 7.82 3.89
C PRO A 504 28.97 6.88 2.74
N LEU A 505 28.93 7.46 1.54
CA LEU A 505 28.65 6.72 0.31
C LEU A 505 29.76 7.00 -0.69
N GLU A 506 30.57 5.99 -0.99
CA GLU A 506 31.73 6.14 -1.87
C GLU A 506 31.44 5.43 -3.19
N VAL A 507 31.38 6.21 -4.28
CA VAL A 507 31.22 5.67 -5.62
C VAL A 507 32.61 5.60 -6.24
N THR A 508 33.01 4.40 -6.66
CA THR A 508 34.38 4.14 -7.10
C THR A 508 34.41 3.84 -8.59
N ASP A 509 35.28 4.54 -9.32
CA ASP A 509 35.52 4.26 -10.72
C ASP A 509 36.53 3.13 -10.85
N ILE A 510 36.26 2.21 -11.78
CA ILE A 510 37.11 1.04 -12.02
C ILE A 510 37.77 1.20 -13.37
N ARG A 511 39.10 1.06 -13.40
CA ARG A 511 39.83 1.27 -14.65
C ARG A 511 40.96 0.25 -14.86
N HIS A 512 41.73 -0.05 -13.81
CA HIS A 512 42.91 -0.88 -14.00
C HIS A 512 43.12 -1.83 -12.83
N GLN A 513 42.03 -2.34 -12.27
CA GLN A 513 42.10 -3.40 -11.25
C GLN A 513 40.70 -3.94 -10.96
N LYS B 2 7.96 -36.32 -4.28
CA LYS B 2 7.33 -36.92 -5.45
C LYS B 2 6.42 -35.92 -6.16
N LEU B 3 5.50 -36.45 -6.97
CA LEU B 3 4.55 -35.65 -7.74
C LEU B 3 5.26 -34.71 -8.70
N GLU B 4 5.62 -35.21 -9.87
CA GLU B 4 6.29 -34.40 -10.88
C GLU B 4 5.35 -33.29 -11.35
N LYS B 5 5.87 -32.08 -11.42
CA LYS B 5 5.05 -30.94 -11.83
C LYS B 5 4.78 -30.95 -13.33
N PHE B 6 3.63 -30.41 -13.70
CA PHE B 6 3.31 -30.06 -15.09
C PHE B 6 3.24 -31.31 -15.98
N VAL B 7 2.54 -32.33 -15.49
CA VAL B 7 2.35 -33.56 -16.26
C VAL B 7 0.88 -33.85 -16.56
N ASP B 8 -0.05 -33.09 -16.00
CA ASP B 8 -1.47 -33.25 -16.28
C ASP B 8 -2.02 -31.99 -16.94
N LYS B 9 -2.90 -32.17 -17.91
CA LYS B 9 -3.53 -31.04 -18.58
C LYS B 9 -4.51 -30.33 -17.65
N LEU B 10 -4.68 -29.04 -17.88
CA LEU B 10 -5.55 -28.22 -17.03
C LEU B 10 -7.02 -28.53 -17.31
N PRO B 11 -7.76 -29.05 -16.34
CA PRO B 11 -9.19 -29.33 -16.59
C PRO B 11 -10.01 -28.06 -16.64
N ILE B 12 -11.03 -28.08 -17.48
CA ILE B 12 -12.03 -27.02 -17.55
C ILE B 12 -13.35 -27.59 -17.05
N PRO B 13 -13.91 -27.10 -15.95
CA PRO B 13 -15.20 -27.62 -15.48
C PRO B 13 -16.30 -27.42 -16.52
N LYS B 14 -17.05 -28.47 -16.77
CA LYS B 14 -18.16 -28.40 -17.71
C LYS B 14 -19.23 -27.43 -17.21
N VAL B 15 -19.83 -26.69 -18.13
CA VAL B 15 -20.97 -25.84 -17.79
C VAL B 15 -22.15 -26.74 -17.43
N LEU B 16 -22.89 -26.34 -16.40
CA LEU B 16 -24.00 -27.16 -15.92
C LEU B 16 -25.25 -26.92 -16.76
N LYS B 17 -25.91 -28.00 -17.15
CA LYS B 17 -27.15 -27.86 -17.90
C LYS B 17 -28.34 -27.88 -16.95
N PRO B 18 -29.33 -27.02 -17.15
CA PRO B 18 -30.50 -27.03 -16.26
C PRO B 18 -31.41 -28.21 -16.55
N HIS B 19 -32.13 -28.64 -15.51
CA HIS B 19 -33.14 -29.68 -15.69
C HIS B 19 -34.34 -29.14 -16.47
N SER B 20 -34.67 -27.86 -16.29
CA SER B 20 -35.79 -27.24 -16.98
C SER B 20 -35.54 -25.74 -17.03
N LYS B 21 -35.86 -25.13 -18.18
CA LYS B 21 -35.61 -23.71 -18.39
C LYS B 21 -36.82 -23.11 -19.11
N SER B 22 -37.45 -22.12 -18.49
CA SER B 22 -38.61 -21.45 -19.04
C SER B 22 -38.41 -19.94 -18.98
N LYS B 23 -39.41 -19.19 -19.44
CA LYS B 23 -39.36 -17.75 -19.35
C LYS B 23 -39.38 -17.27 -17.90
N GLU B 24 -40.07 -18.01 -17.03
CA GLU B 24 -40.16 -17.62 -15.63
C GLU B 24 -38.88 -17.95 -14.86
N MET B 25 -38.38 -19.17 -15.02
CA MET B 25 -37.37 -19.70 -14.11
C MET B 25 -36.47 -20.68 -14.85
N THR B 26 -35.23 -20.79 -14.36
CA THR B 26 -34.27 -21.79 -14.83
C THR B 26 -33.94 -22.71 -13.66
N TYR B 27 -34.39 -23.95 -13.74
CA TYR B 27 -34.34 -24.88 -12.62
C TYR B 27 -33.16 -25.82 -12.76
N TYR B 28 -32.34 -25.91 -11.71
CA TYR B 28 -31.20 -26.81 -11.65
C TYR B 28 -31.38 -27.82 -10.53
N GLU B 29 -30.66 -28.94 -10.65
CA GLU B 29 -30.56 -29.93 -9.58
C GLU B 29 -29.12 -30.40 -9.49
N VAL B 30 -28.52 -30.24 -8.31
CA VAL B 30 -27.15 -30.62 -8.06
C VAL B 30 -27.11 -31.51 -6.83
N THR B 31 -26.40 -32.63 -6.91
CA THR B 31 -26.32 -33.59 -5.82
C THR B 31 -24.89 -33.66 -5.30
N MET B 32 -24.76 -33.76 -3.99
CA MET B 32 -23.46 -33.92 -3.34
C MET B 32 -23.22 -35.40 -3.12
N LYS B 33 -22.22 -35.96 -3.80
CA LYS B 33 -21.96 -37.39 -3.76
C LYS B 33 -20.51 -37.66 -3.39
N GLU B 34 -20.30 -38.77 -2.69
CA GLU B 34 -18.95 -39.23 -2.42
C GLU B 34 -18.43 -40.04 -3.60
N PHE B 35 -17.18 -39.79 -3.98
CA PHE B 35 -16.59 -40.42 -5.14
C PHE B 35 -15.08 -40.31 -5.06
N GLN B 36 -14.41 -40.96 -6.00
CA GLN B 36 -12.96 -40.90 -6.11
C GLN B 36 -12.57 -40.30 -7.44
N GLN B 37 -11.54 -39.46 -7.44
CA GLN B 37 -11.11 -38.76 -8.63
C GLN B 37 -9.59 -38.62 -8.59
N GLN B 38 -8.93 -38.93 -9.70
CA GLN B 38 -7.48 -38.86 -9.76
C GLN B 38 -7.06 -37.40 -9.95
N LEU B 39 -6.27 -36.89 -8.99
CA LEU B 39 -5.87 -35.50 -9.02
C LEU B 39 -4.47 -35.27 -9.58
N HIS B 40 -3.65 -36.32 -9.69
CA HIS B 40 -2.34 -36.22 -10.31
C HIS B 40 -2.07 -37.51 -11.08
N ARG B 41 -1.20 -37.40 -12.09
CA ARG B 41 -0.89 -38.54 -12.94
C ARG B 41 -0.35 -39.71 -12.12
N ASP B 42 0.42 -39.42 -11.07
CA ASP B 42 1.07 -40.45 -10.27
C ASP B 42 0.40 -40.63 -8.91
N LEU B 43 -0.84 -40.16 -8.75
CA LEU B 43 -1.54 -40.34 -7.49
C LEU B 43 -2.71 -41.30 -7.66
N PRO B 44 -2.93 -42.19 -6.69
CA PRO B 44 -4.15 -43.00 -6.69
C PRO B 44 -5.37 -42.12 -6.52
N PRO B 45 -6.54 -42.57 -6.95
CA PRO B 45 -7.74 -41.72 -6.84
C PRO B 45 -7.99 -41.27 -5.41
N THR B 46 -8.58 -40.08 -5.28
CA THR B 46 -8.76 -39.42 -4.00
C THR B 46 -10.24 -39.39 -3.63
N ARG B 47 -10.56 -39.86 -2.44
CA ARG B 47 -11.93 -39.79 -1.94
C ARG B 47 -12.31 -38.33 -1.72
N LEU B 48 -13.45 -37.91 -2.26
CA LEU B 48 -13.86 -36.52 -2.23
C LEU B 48 -15.36 -36.42 -2.00
N PHE B 49 -15.77 -35.28 -1.46
CA PHE B 49 -17.17 -34.85 -1.46
C PHE B 49 -17.32 -33.79 -2.55
N GLY B 50 -18.20 -34.03 -3.51
CA GLY B 50 -18.30 -33.15 -4.64
C GLY B 50 -19.72 -33.01 -5.17
N TYR B 51 -19.95 -31.89 -5.84
CA TYR B 51 -21.21 -31.65 -6.52
C TYR B 51 -21.25 -32.41 -7.84
N ASN B 52 -22.34 -33.14 -8.07
CA ASN B 52 -22.53 -33.94 -9.28
C ASN B 52 -21.36 -34.89 -9.53
N GLY B 53 -20.74 -35.35 -8.44
CA GLY B 53 -19.66 -36.31 -8.55
C GLY B 53 -18.46 -35.84 -9.36
N VAL B 54 -18.09 -34.57 -9.22
CA VAL B 54 -16.96 -34.02 -9.95
C VAL B 54 -16.31 -32.93 -9.10
N TYR B 55 -14.99 -32.88 -9.13
CA TYR B 55 -14.22 -31.88 -8.39
C TYR B 55 -13.32 -31.12 -9.36
N PRO B 56 -13.50 -29.80 -9.53
CA PRO B 56 -14.54 -28.95 -8.91
C PRO B 56 -15.93 -29.26 -9.44
N GLY B 57 -16.96 -28.68 -8.86
CA GLY B 57 -18.31 -28.89 -9.31
C GLY B 57 -18.57 -28.24 -10.65
N PRO B 58 -19.74 -28.52 -11.24
CA PRO B 58 -20.08 -27.90 -12.52
C PRO B 58 -20.13 -26.38 -12.41
N THR B 59 -19.97 -25.73 -13.55
CA THR B 59 -19.92 -24.27 -13.62
C THR B 59 -21.29 -23.74 -14.07
N PHE B 60 -21.87 -22.85 -13.26
CA PHE B 60 -23.12 -22.19 -13.63
C PHE B 60 -22.83 -21.03 -14.58
N GLU B 61 -23.67 -20.89 -15.60
CA GLU B 61 -23.65 -19.74 -16.50
C GLU B 61 -25.04 -19.12 -16.45
N VAL B 62 -25.18 -18.04 -15.70
CA VAL B 62 -26.47 -17.38 -15.52
C VAL B 62 -26.38 -15.97 -16.09
N GLN B 63 -27.56 -15.39 -16.33
CA GLN B 63 -27.69 -14.05 -16.88
C GLN B 63 -28.19 -13.10 -15.82
N LYS B 64 -27.91 -11.81 -16.00
CA LYS B 64 -28.51 -10.80 -15.16
C LYS B 64 -30.02 -10.82 -15.36
N HIS B 65 -30.76 -10.76 -14.25
CA HIS B 65 -32.22 -10.83 -14.17
C HIS B 65 -32.75 -12.24 -14.43
N GLU B 66 -31.88 -13.24 -14.60
CA GLU B 66 -32.33 -14.61 -14.82
C GLU B 66 -32.65 -15.24 -13.47
N LYS B 67 -33.92 -15.55 -13.26
CA LYS B 67 -34.37 -16.20 -12.02
C LYS B 67 -33.92 -17.66 -12.04
N VAL B 68 -32.85 -17.96 -11.29
CA VAL B 68 -32.26 -19.29 -11.28
C VAL B 68 -32.64 -20.00 -10.00
N ALA B 69 -33.12 -21.24 -10.13
CA ALA B 69 -33.49 -22.07 -8.98
C ALA B 69 -32.62 -23.32 -8.97
N VAL B 70 -32.07 -23.64 -7.80
CA VAL B 70 -31.22 -24.81 -7.62
C VAL B 70 -31.73 -25.59 -6.43
N LYS B 71 -31.84 -26.91 -6.58
CA LYS B 71 -32.22 -27.81 -5.50
C LYS B 71 -30.99 -28.61 -5.12
N TRP B 72 -30.26 -28.13 -4.12
CA TRP B 72 -29.04 -28.81 -3.67
C TRP B 72 -29.42 -30.06 -2.89
N LEU B 73 -29.06 -31.22 -3.44
CA LEU B 73 -29.41 -32.50 -2.84
C LEU B 73 -28.20 -33.10 -2.14
N ASN B 74 -28.44 -33.64 -0.95
CA ASN B 74 -27.39 -34.29 -0.15
C ASN B 74 -27.51 -35.80 -0.36
N LYS B 75 -26.51 -36.38 -1.01
CA LYS B 75 -26.39 -37.82 -1.16
C LYS B 75 -25.10 -38.33 -0.52
N LEU B 76 -24.61 -37.61 0.48
CA LEU B 76 -23.34 -37.92 1.11
C LEU B 76 -23.49 -39.02 2.15
N PRO B 77 -22.39 -39.71 2.49
CA PRO B 77 -22.48 -40.80 3.47
C PRO B 77 -22.89 -40.35 4.86
N ASP B 78 -23.06 -41.32 5.76
CA ASP B 78 -23.40 -41.04 7.15
C ASP B 78 -22.21 -40.54 7.95
N HIS B 79 -20.99 -40.74 7.45
CA HIS B 79 -19.77 -40.48 8.19
C HIS B 79 -18.82 -39.67 7.34
N HIS B 80 -18.15 -38.68 7.96
CA HIS B 80 -17.23 -37.81 7.25
C HIS B 80 -15.82 -38.40 7.32
N PHE B 81 -15.14 -38.44 6.18
CA PHE B 81 -13.81 -39.03 6.12
C PHE B 81 -12.71 -38.10 6.65
N LEU B 82 -13.02 -36.83 6.88
CA LEU B 82 -12.07 -35.90 7.48
C LEU B 82 -12.31 -35.78 8.97
N PRO B 83 -11.26 -35.51 9.76
CA PRO B 83 -11.42 -35.50 11.23
C PRO B 83 -12.34 -34.36 11.68
N VAL B 84 -13.39 -34.73 12.41
CA VAL B 84 -14.41 -33.79 12.87
C VAL B 84 -14.18 -33.50 14.34
N ASP B 85 -14.11 -32.21 14.69
CA ASP B 85 -14.00 -31.77 16.08
C ASP B 85 -15.42 -31.66 16.65
N HIS B 86 -15.73 -32.52 17.61
CA HIS B 86 -17.05 -32.55 18.23
C HIS B 86 -17.16 -31.63 19.43
N THR B 87 -16.19 -30.75 19.65
CA THR B 87 -16.16 -29.90 20.84
C THR B 87 -16.28 -28.42 20.55
N ILE B 88 -16.29 -28.01 19.28
CA ILE B 88 -16.30 -26.58 18.97
C ILE B 88 -17.73 -26.01 18.90
N HIS B 89 -18.70 -26.82 18.50
CA HIS B 89 -20.08 -26.36 18.46
C HIS B 89 -21.05 -27.51 18.75
N GLU B 97 -21.33 -35.90 12.09
CA GLU B 97 -22.14 -36.24 10.92
C GLU B 97 -21.79 -35.35 9.73
N VAL B 98 -22.39 -35.63 8.59
CA VAL B 98 -22.13 -34.89 7.36
C VAL B 98 -23.31 -33.94 7.15
N LYS B 99 -23.18 -32.72 7.65
CA LYS B 99 -24.16 -31.67 7.46
C LYS B 99 -23.73 -30.79 6.30
N THR B 100 -24.70 -30.35 5.48
CA THR B 100 -24.39 -29.60 4.28
C THR B 100 -25.39 -28.47 4.07
N VAL B 101 -24.88 -27.36 3.55
CA VAL B 101 -25.71 -26.25 3.07
C VAL B 101 -24.86 -25.45 2.09
N VAL B 102 -25.45 -25.10 0.96
CA VAL B 102 -24.72 -24.47 -0.15
C VAL B 102 -24.92 -22.97 -0.09
N HIS B 103 -23.82 -22.22 -0.17
CA HIS B 103 -23.82 -20.77 -0.15
C HIS B 103 -23.22 -20.24 -1.45
N LEU B 104 -23.95 -19.35 -2.11
CA LEU B 104 -23.46 -18.68 -3.32
C LEU B 104 -22.65 -17.47 -2.87
N HIS B 105 -21.33 -17.61 -2.87
CA HIS B 105 -20.44 -16.57 -2.35
C HIS B 105 -20.54 -15.33 -3.22
N GLY B 106 -20.93 -14.20 -2.61
CA GLY B 106 -21.03 -12.94 -3.31
C GLY B 106 -22.34 -12.71 -4.05
N GLY B 107 -23.29 -13.64 -3.95
CA GLY B 107 -24.54 -13.50 -4.68
C GLY B 107 -25.51 -12.61 -3.93
N ARG B 108 -26.14 -11.68 -4.65
CA ARG B 108 -27.20 -10.85 -4.09
C ARG B 108 -28.43 -11.74 -3.90
N THR B 109 -28.45 -12.44 -2.77
CA THR B 109 -29.42 -13.50 -2.53
C THR B 109 -30.28 -13.19 -1.32
N PRO B 110 -31.58 -13.41 -1.39
CA PRO B 110 -32.41 -13.31 -0.19
C PRO B 110 -31.94 -14.31 0.85
N PRO B 111 -32.21 -14.03 2.13
CA PRO B 111 -31.64 -14.87 3.20
C PRO B 111 -32.11 -16.32 3.15
N ASP B 112 -33.32 -16.58 2.67
CA ASP B 112 -33.83 -17.94 2.66
C ASP B 112 -33.09 -18.83 1.67
N SER B 113 -32.33 -18.25 0.75
CA SER B 113 -31.55 -19.01 -0.22
C SER B 113 -30.06 -18.71 -0.15
N ASP B 114 -29.60 -18.04 0.90
CA ASP B 114 -28.21 -17.63 1.02
C ASP B 114 -27.31 -18.72 1.59
N GLY B 115 -27.88 -19.76 2.19
CA GLY B 115 -27.08 -20.84 2.74
C GLY B 115 -26.61 -20.57 4.15
N TYR B 116 -27.55 -20.27 5.05
CA TYR B 116 -27.21 -20.00 6.44
C TYR B 116 -26.52 -21.22 7.05
N PRO B 117 -25.48 -21.01 7.86
CA PRO B 117 -24.74 -22.17 8.39
C PRO B 117 -25.60 -23.13 9.19
N GLU B 118 -26.62 -22.65 9.88
CA GLU B 118 -27.50 -23.51 10.68
C GLU B 118 -28.75 -23.92 9.92
N ALA B 119 -28.82 -23.62 8.62
CA ALA B 119 -29.85 -24.18 7.75
C ALA B 119 -29.37 -25.43 7.03
N TRP B 120 -28.44 -26.18 7.64
CA TRP B 120 -27.87 -27.36 7.02
C TRP B 120 -28.88 -28.50 7.01
N TYR B 121 -28.48 -29.59 6.36
CA TYR B 121 -29.31 -30.77 6.23
C TYR B 121 -28.41 -31.97 5.91
N THR B 122 -28.85 -33.14 6.34
CA THR B 122 -28.12 -34.37 6.06
C THR B 122 -28.67 -34.98 4.76
N LYS B 123 -28.39 -36.25 4.51
CA LYS B 123 -28.80 -36.89 3.27
C LYS B 123 -30.32 -36.96 3.16
N ASP B 124 -30.83 -36.58 1.99
CA ASP B 124 -32.27 -36.62 1.69
C ASP B 124 -33.08 -35.78 2.69
N PHE B 125 -32.45 -34.75 3.26
CA PHE B 125 -33.08 -33.87 4.23
C PHE B 125 -33.61 -34.63 5.44
N GLN B 126 -32.95 -35.74 5.81
CA GLN B 126 -33.32 -36.50 6.99
C GLN B 126 -33.30 -35.62 8.23
N VAL B 127 -32.11 -35.16 8.61
CA VAL B 127 -31.95 -34.24 9.73
C VAL B 127 -31.73 -32.85 9.16
N LYS B 128 -32.43 -31.87 9.72
CA LYS B 128 -32.36 -30.49 9.26
C LYS B 128 -31.90 -29.58 10.39
N GLY B 129 -31.08 -28.60 10.05
CA GLY B 129 -30.62 -27.63 11.01
C GLY B 129 -31.76 -26.76 11.51
N PRO B 130 -31.54 -26.08 12.65
CA PRO B 130 -32.62 -25.29 13.26
C PRO B 130 -33.10 -24.12 12.41
N PHE B 131 -32.37 -23.74 11.36
CA PHE B 131 -32.77 -22.63 10.50
C PHE B 131 -33.17 -23.11 9.10
N PHE B 132 -33.44 -24.41 8.95
CA PHE B 132 -33.84 -24.93 7.64
C PHE B 132 -35.23 -24.46 7.27
N GLU B 133 -35.44 -24.18 5.98
CA GLU B 133 -36.73 -23.70 5.52
C GLU B 133 -37.17 -24.39 4.23
N ARG B 134 -36.26 -24.51 3.25
CA ARG B 134 -36.64 -24.91 1.91
C ARG B 134 -35.58 -25.81 1.31
N GLU B 135 -36.01 -26.62 0.34
CA GLU B 135 -35.11 -27.50 -0.39
C GLU B 135 -34.61 -26.89 -1.70
N VAL B 136 -35.35 -25.94 -2.26
CA VAL B 136 -35.00 -25.32 -3.53
C VAL B 136 -34.64 -23.86 -3.26
N TYR B 137 -33.40 -23.49 -3.58
CA TYR B 137 -32.96 -22.11 -3.47
C TYR B 137 -33.28 -21.37 -4.77
N GLU B 138 -33.52 -20.07 -4.64
CA GLU B 138 -33.80 -19.21 -5.78
C GLU B 138 -32.87 -18.01 -5.76
N TYR B 139 -32.21 -17.75 -6.89
CA TYR B 139 -31.27 -16.64 -7.01
C TYR B 139 -31.80 -15.65 -8.03
N PRO B 140 -32.27 -14.46 -7.61
CA PRO B 140 -32.81 -13.50 -8.59
C PRO B 140 -31.77 -12.96 -9.56
N ASN B 141 -30.49 -12.99 -9.19
CA ASN B 141 -29.40 -12.54 -10.06
C ASN B 141 -29.61 -11.10 -10.52
N GLU B 142 -30.11 -10.26 -9.62
CA GLU B 142 -30.26 -8.83 -9.91
C GLU B 142 -29.01 -8.06 -9.53
N GLN B 143 -27.87 -8.49 -10.09
CA GLN B 143 -26.59 -7.84 -9.85
C GLN B 143 -25.78 -7.88 -11.14
N ASP B 144 -24.78 -7.00 -11.22
CA ASP B 144 -23.98 -6.88 -12.43
C ASP B 144 -23.13 -8.12 -12.65
N ALA B 145 -22.61 -8.24 -13.87
CA ALA B 145 -21.79 -9.40 -14.23
C ALA B 145 -20.53 -9.46 -13.37
N THR B 146 -20.22 -10.66 -12.89
CA THR B 146 -19.04 -10.89 -12.08
C THR B 146 -18.79 -12.39 -12.03
N ALA B 147 -17.72 -12.77 -11.33
CA ALA B 147 -17.37 -14.17 -11.12
C ALA B 147 -17.65 -14.52 -9.66
N LEU B 148 -18.67 -15.34 -9.44
CA LEU B 148 -18.99 -15.85 -8.12
C LEU B 148 -18.54 -17.31 -8.01
N TRP B 149 -18.86 -17.92 -6.87
CA TRP B 149 -18.59 -19.33 -6.69
C TRP B 149 -19.43 -19.83 -5.51
N TYR B 150 -19.75 -21.12 -5.54
CA TYR B 150 -20.57 -21.74 -4.51
C TYR B 150 -19.77 -22.81 -3.79
N HIS B 151 -20.04 -22.94 -2.49
CA HIS B 151 -19.33 -23.90 -1.65
C HIS B 151 -20.18 -24.20 -0.42
N ASP B 152 -19.80 -25.25 0.28
CA ASP B 152 -20.53 -25.64 1.48
C ASP B 152 -20.33 -24.61 2.58
N HIS B 153 -21.34 -24.50 3.45
CA HIS B 153 -21.31 -23.50 4.50
C HIS B 153 -21.82 -24.03 5.83
N ALA B 154 -21.89 -25.35 6.00
CA ALA B 154 -22.44 -25.94 7.22
C ALA B 154 -21.59 -25.52 8.43
N MET B 155 -22.27 -25.28 9.55
CA MET B 155 -21.58 -24.75 10.72
C MET B 155 -20.65 -25.79 11.32
N ALA B 156 -19.53 -25.30 11.85
CA ALA B 156 -18.54 -26.08 12.59
C ALA B 156 -17.73 -27.03 11.71
N ILE B 157 -18.18 -27.27 10.48
CA ILE B 157 -17.45 -28.18 9.59
C ILE B 157 -17.32 -27.58 8.19
N THR B 158 -17.35 -26.25 8.10
CA THR B 158 -17.15 -25.61 6.81
C THR B 158 -15.74 -25.83 6.27
N ARG B 159 -14.75 -25.88 7.17
CA ARG B 159 -13.37 -26.12 6.73
C ARG B 159 -13.20 -27.52 6.16
N LEU B 160 -14.03 -28.48 6.59
CA LEU B 160 -13.91 -29.86 6.14
C LEU B 160 -14.65 -30.11 4.83
N ASN B 161 -15.88 -29.60 4.71
CA ASN B 161 -16.66 -29.86 3.50
C ASN B 161 -16.07 -29.15 2.30
N VAL B 162 -15.58 -27.92 2.48
CA VAL B 162 -14.92 -27.23 1.38
C VAL B 162 -13.62 -27.93 1.00
N TYR B 163 -12.84 -28.33 1.99
CA TYR B 163 -11.61 -29.06 1.72
C TYR B 163 -11.89 -30.41 1.06
N ALA B 164 -13.02 -31.03 1.39
CA ALA B 164 -13.39 -32.30 0.79
C ALA B 164 -13.66 -32.19 -0.71
N GLY B 165 -13.88 -30.98 -1.22
CA GLY B 165 -14.05 -30.78 -2.65
C GLY B 165 -15.36 -30.16 -3.04
N LEU B 166 -16.08 -29.61 -2.06
CA LEU B 166 -17.39 -29.01 -2.30
C LEU B 166 -17.23 -27.53 -2.68
N VAL B 167 -16.68 -27.33 -3.88
CA VAL B 167 -16.51 -26.00 -4.46
C VAL B 167 -16.88 -26.06 -5.93
N GLY B 168 -17.35 -24.93 -6.45
CA GLY B 168 -17.72 -24.83 -7.85
C GLY B 168 -17.81 -23.37 -8.25
N LEU B 169 -17.87 -23.14 -9.55
CA LEU B 169 -17.88 -21.80 -10.11
C LEU B 169 -19.28 -21.38 -10.53
N TYR B 170 -19.47 -20.06 -10.62
CA TYR B 170 -20.79 -19.48 -10.89
C TYR B 170 -20.55 -18.12 -11.51
N PHE B 171 -20.81 -17.99 -12.81
CA PHE B 171 -20.56 -16.76 -13.54
C PHE B 171 -21.86 -16.06 -13.87
N ILE B 172 -21.89 -14.74 -13.70
CA ILE B 172 -23.01 -13.89 -14.10
C ILE B 172 -22.56 -13.03 -15.26
N ARG B 173 -23.43 -12.86 -16.25
CA ARG B 173 -23.12 -12.11 -17.46
C ARG B 173 -24.04 -10.89 -17.58
N ASP B 174 -23.52 -9.86 -18.24
CA ASP B 174 -24.20 -8.58 -18.44
C ASP B 174 -24.19 -8.23 -19.92
N ARG B 175 -25.09 -7.33 -20.31
CA ARG B 175 -24.95 -6.72 -21.63
C ARG B 175 -23.80 -5.74 -21.66
N GLU B 176 -23.47 -5.15 -20.51
CA GLU B 176 -22.30 -4.26 -20.42
C GLU B 176 -21.01 -5.06 -20.60
N GLU B 177 -20.88 -6.17 -19.88
CA GLU B 177 -19.68 -7.00 -20.01
C GLU B 177 -19.56 -7.58 -21.41
N ARG B 178 -20.69 -7.95 -22.01
CA ARG B 178 -20.67 -8.49 -23.37
C ARG B 178 -20.33 -7.41 -24.40
N SER B 179 -20.78 -6.17 -24.17
CA SER B 179 -20.43 -5.10 -25.09
C SER B 179 -18.93 -4.93 -25.20
N LEU B 180 -18.19 -5.28 -24.15
CA LEU B 180 -16.73 -5.34 -24.21
C LEU B 180 -16.32 -6.60 -24.95
N ASN B 181 -15.52 -6.45 -26.01
CA ASN B 181 -15.09 -7.57 -26.83
C ASN B 181 -13.98 -8.35 -26.13
N LEU B 182 -14.30 -8.83 -24.93
CA LEU B 182 -13.33 -9.55 -24.11
C LEU B 182 -13.07 -10.93 -24.69
N PRO B 183 -11.89 -11.50 -24.42
CA PRO B 183 -11.64 -12.90 -24.77
C PRO B 183 -12.69 -13.81 -24.17
N LYS B 184 -13.33 -14.60 -25.03
CA LYS B 184 -14.45 -15.46 -24.65
C LYS B 184 -14.20 -16.88 -25.16
N GLY B 185 -15.14 -17.77 -24.84
CA GLY B 185 -15.03 -19.14 -25.32
C GLY B 185 -13.88 -19.87 -24.67
N GLU B 186 -13.13 -20.61 -25.49
CA GLU B 186 -11.94 -21.31 -25.02
C GLU B 186 -10.82 -20.36 -24.60
N TYR B 187 -10.95 -19.07 -24.90
CA TYR B 187 -9.94 -18.08 -24.54
C TYR B 187 -10.25 -17.38 -23.23
N GLU B 188 -11.35 -17.74 -22.58
CA GLU B 188 -11.60 -17.40 -21.19
C GLU B 188 -11.43 -18.66 -20.36
N ILE B 189 -10.42 -18.67 -19.49
CA ILE B 189 -10.03 -19.84 -18.72
C ILE B 189 -10.17 -19.51 -17.24
N PRO B 190 -11.01 -20.23 -16.49
CA PRO B 190 -11.08 -19.99 -15.05
C PRO B 190 -10.01 -20.77 -14.30
N LEU B 191 -9.38 -20.11 -13.32
CA LEU B 191 -8.29 -20.68 -12.55
C LEU B 191 -8.73 -20.78 -11.09
N LEU B 192 -9.37 -21.89 -10.74
CA LEU B 192 -9.75 -22.16 -9.35
C LEU B 192 -8.53 -22.80 -8.67
N ILE B 193 -7.81 -21.99 -7.89
CA ILE B 193 -6.55 -22.39 -7.29
C ILE B 193 -6.79 -22.81 -5.85
N GLN B 194 -6.20 -23.94 -5.45
CA GLN B 194 -6.31 -24.46 -4.09
C GLN B 194 -4.99 -25.12 -3.71
N ASP B 195 -4.87 -25.43 -2.43
CA ASP B 195 -3.72 -26.18 -1.91
C ASP B 195 -4.22 -27.35 -1.07
N LYS B 196 -3.50 -28.46 -1.13
CA LYS B 196 -3.89 -29.68 -0.44
C LYS B 196 -2.65 -30.49 -0.08
N SER B 197 -2.85 -31.48 0.77
CA SER B 197 -1.83 -32.46 1.12
C SER B 197 -2.40 -33.85 0.90
N PHE B 198 -1.55 -34.79 0.53
CA PHE B 198 -1.97 -36.12 0.15
C PHE B 198 -1.21 -37.18 0.92
N HIS B 199 -1.93 -38.19 1.39
CA HIS B 199 -1.29 -39.40 1.87
C HIS B 199 -0.74 -40.20 0.68
N GLU B 200 0.09 -41.20 0.99
CA GLU B 200 0.50 -42.13 -0.06
C GLU B 200 -0.69 -42.89 -0.61
N ASP B 201 -1.77 -43.00 0.17
CA ASP B 201 -3.04 -43.54 -0.34
C ASP B 201 -3.53 -42.79 -1.57
N GLY B 202 -3.15 -41.52 -1.70
CA GLY B 202 -3.83 -40.62 -2.61
C GLY B 202 -4.98 -39.88 -1.98
N SER B 203 -5.44 -40.32 -0.81
CA SER B 203 -6.52 -39.64 -0.11
C SER B 203 -6.04 -38.32 0.47
N LEU B 204 -7.00 -37.46 0.79
CA LEU B 204 -6.69 -36.16 1.37
C LEU B 204 -6.13 -36.33 2.77
N PHE B 205 -5.12 -35.51 3.09
CA PHE B 205 -4.62 -35.40 4.46
C PHE B 205 -5.15 -34.13 5.08
N TYR B 206 -5.61 -34.23 6.33
CA TYR B 206 -6.07 -33.09 7.09
C TYR B 206 -5.79 -33.44 8.55
N PRO B 207 -5.12 -32.55 9.29
CA PRO B 207 -4.66 -32.93 10.63
C PRO B 207 -5.81 -33.16 11.59
N ARG B 208 -5.68 -34.21 12.41
CA ARG B 208 -6.66 -34.46 13.46
C ARG B 208 -6.48 -33.53 14.64
N GLN B 209 -5.25 -33.14 14.93
CA GLN B 209 -4.95 -32.29 16.07
C GLN B 209 -3.79 -31.37 15.70
N PRO B 210 -3.54 -30.33 16.50
CA PRO B 210 -2.28 -29.58 16.35
C PRO B 210 -1.04 -30.45 16.50
N ASP B 211 0.14 -29.86 16.30
CA ASP B 211 1.37 -30.63 16.17
C ASP B 211 1.65 -31.47 17.41
N ASN B 212 1.82 -30.82 18.57
CA ASN B 212 2.17 -31.50 19.80
C ASN B 212 0.99 -31.45 20.76
N PRO B 213 0.05 -32.40 20.68
CA PRO B 213 -1.15 -32.31 21.51
C PRO B 213 -0.98 -32.92 22.89
N SER B 214 -1.31 -32.16 23.92
CA SER B 214 -1.39 -32.73 25.26
C SER B 214 -2.55 -33.72 25.33
N PRO B 215 -2.48 -34.71 26.23
CA PRO B 215 -3.62 -35.63 26.38
C PRO B 215 -4.90 -34.95 26.79
N ASP B 216 -4.83 -33.72 27.30
CA ASP B 216 -6.02 -32.95 27.63
C ASP B 216 -6.70 -32.35 26.41
N LEU B 217 -6.06 -32.40 25.24
CA LEU B 217 -6.63 -31.84 24.03
C LEU B 217 -7.67 -32.81 23.45
N PRO B 218 -8.79 -32.30 22.94
CA PRO B 218 -9.76 -33.18 22.28
C PRO B 218 -9.16 -33.86 21.06
N ASP B 219 -9.75 -34.99 20.70
CA ASP B 219 -9.31 -35.78 19.55
C ASP B 219 -10.53 -36.17 18.73
N PRO B 220 -10.70 -35.64 17.52
CA PRO B 220 -9.85 -34.67 16.82
C PRO B 220 -9.91 -33.27 17.43
N SER B 221 -9.04 -32.37 16.98
CA SER B 221 -9.03 -31.00 17.44
C SER B 221 -8.82 -30.07 16.26
N ILE B 222 -9.56 -28.96 16.24
CA ILE B 222 -9.40 -27.99 15.17
C ILE B 222 -8.05 -27.29 15.30
N VAL B 223 -7.46 -26.97 14.15
CA VAL B 223 -6.17 -26.26 14.12
C VAL B 223 -6.44 -24.80 13.74
N PRO B 224 -5.60 -23.85 14.18
CA PRO B 224 -5.82 -22.45 13.79
C PRO B 224 -5.53 -22.17 12.34
N ALA B 225 -4.76 -23.03 11.66
CA ALA B 225 -4.44 -22.83 10.26
C ALA B 225 -3.97 -24.14 9.65
N PHE B 226 -4.37 -24.37 8.40
CA PHE B 226 -3.88 -25.47 7.60
C PHE B 226 -3.56 -24.96 6.20
N CYS B 227 -2.41 -25.37 5.68
CA CYS B 227 -2.06 -25.15 4.29
C CYS B 227 -1.36 -26.40 3.78
N GLY B 228 -1.76 -26.86 2.61
CA GLY B 228 -1.17 -28.05 2.04
C GLY B 228 0.12 -27.76 1.31
N ASP B 229 0.89 -28.82 1.10
CA ASP B 229 2.17 -28.70 0.42
C ASP B 229 2.05 -28.76 -1.10
N THR B 230 0.86 -29.02 -1.64
CA THR B 230 0.66 -29.22 -3.06
C THR B 230 -0.38 -28.23 -3.59
N ILE B 231 -0.10 -27.63 -4.73
CA ILE B 231 -0.96 -26.62 -5.33
C ILE B 231 -1.76 -27.26 -6.46
N LEU B 232 -3.07 -27.02 -6.46
CA LEU B 232 -3.96 -27.53 -7.48
C LEU B 232 -4.65 -26.38 -8.19
N VAL B 233 -4.96 -26.59 -9.47
CA VAL B 233 -5.73 -25.64 -10.27
C VAL B 233 -6.82 -26.44 -10.99
N ASN B 234 -8.08 -26.07 -10.76
CA ASN B 234 -9.23 -26.78 -11.33
C ASN B 234 -9.20 -28.26 -11.01
N GLY B 235 -8.75 -28.59 -9.79
CA GLY B 235 -8.73 -29.96 -9.34
C GLY B 235 -7.59 -30.81 -9.86
N LYS B 236 -6.54 -30.21 -10.39
CA LYS B 236 -5.40 -30.95 -10.91
C LYS B 236 -4.11 -30.43 -10.30
N VAL B 237 -3.30 -31.35 -9.80
CA VAL B 237 -2.03 -30.99 -9.16
C VAL B 237 -1.07 -30.42 -10.20
N TRP B 238 -0.56 -29.21 -9.94
CA TRP B 238 0.39 -28.46 -10.77
C TRP B 238 0.20 -28.74 -12.26
N PRO B 239 -0.94 -28.37 -12.83
CA PRO B 239 -1.25 -28.77 -14.20
C PRO B 239 -0.50 -27.90 -15.21
N TYR B 240 -0.73 -28.20 -16.49
CA TYR B 240 -0.22 -27.38 -17.57
C TYR B 240 -1.33 -27.19 -18.59
N ASP B 241 -1.15 -26.20 -19.46
CA ASP B 241 -2.13 -25.90 -20.50
C ASP B 241 -1.41 -25.35 -21.71
N GLU B 242 -1.76 -25.86 -22.89
CA GLU B 242 -1.17 -25.42 -24.15
C GLU B 242 -2.07 -24.36 -24.76
N LEU B 243 -1.54 -23.14 -24.87
CA LEU B 243 -2.30 -21.99 -25.33
C LEU B 243 -1.77 -21.48 -26.66
N GLU B 244 -2.57 -20.65 -27.32
CA GLU B 244 -2.28 -19.93 -28.55
C GLU B 244 -1.66 -18.57 -28.23
N PRO B 245 -0.82 -18.04 -29.11
CA PRO B 245 -0.18 -16.73 -28.84
C PRO B 245 -1.12 -15.54 -29.08
N ARG B 246 -2.00 -15.32 -28.11
CA ARG B 246 -2.99 -14.24 -28.21
C ARG B 246 -3.37 -13.82 -26.80
N LYS B 247 -4.46 -13.07 -26.68
CA LYS B 247 -4.95 -12.59 -25.39
C LYS B 247 -5.93 -13.59 -24.79
N TYR B 248 -5.74 -13.91 -23.52
CA TYR B 248 -6.63 -14.79 -22.77
C TYR B 248 -7.26 -14.02 -21.62
N ARG B 249 -8.41 -14.51 -21.16
CA ARG B 249 -9.09 -13.96 -20.00
C ARG B 249 -9.09 -15.01 -18.91
N PHE B 250 -8.43 -14.72 -17.78
CA PHE B 250 -8.38 -15.63 -16.66
C PHE B 250 -9.31 -15.14 -15.55
N ARG B 251 -10.18 -16.03 -15.09
CA ARG B 251 -11.05 -15.76 -13.95
C ARG B 251 -10.45 -16.51 -12.76
N ILE B 252 -9.55 -15.84 -12.06
CA ILE B 252 -8.78 -16.48 -10.99
C ILE B 252 -9.59 -16.48 -9.70
N LEU B 253 -9.51 -17.59 -8.96
CA LEU B 253 -10.19 -17.72 -7.68
C LEU B 253 -9.28 -18.46 -6.71
N ASN B 254 -9.17 -17.95 -5.49
CA ASN B 254 -8.46 -18.62 -4.40
C ASN B 254 -9.49 -19.31 -3.53
N ALA B 255 -9.59 -20.64 -3.67
CA ALA B 255 -10.52 -21.45 -2.88
C ALA B 255 -9.79 -22.29 -1.85
N SER B 256 -8.63 -21.82 -1.39
CA SER B 256 -7.92 -22.49 -0.32
C SER B 256 -8.61 -22.25 1.03
N ASN B 257 -8.25 -23.07 2.02
CA ASN B 257 -8.79 -22.88 3.36
C ASN B 257 -8.14 -21.68 4.05
N THR B 258 -6.84 -21.46 3.82
CA THR B 258 -6.09 -20.48 4.58
C THR B 258 -5.09 -19.71 3.72
N ARG B 259 -4.47 -20.41 2.77
CA ARG B 259 -3.30 -19.89 2.08
C ARG B 259 -3.64 -18.65 1.25
N ILE B 260 -2.79 -17.62 1.36
CA ILE B 260 -2.86 -16.44 0.52
C ILE B 260 -1.77 -16.55 -0.54
N PHE B 261 -2.13 -16.26 -1.79
CA PHE B 261 -1.21 -16.37 -2.90
C PHE B 261 -0.66 -15.01 -3.31
N GLU B 262 0.54 -15.03 -3.90
CA GLU B 262 1.12 -13.87 -4.57
C GLU B 262 1.55 -14.34 -5.96
N LEU B 263 0.65 -14.23 -6.93
CA LEU B 263 0.88 -14.81 -8.24
C LEU B 263 1.71 -13.88 -9.11
N TYR B 264 2.58 -14.47 -9.92
CA TYR B 264 3.36 -13.73 -10.90
C TYR B 264 3.84 -14.70 -11.98
N PHE B 265 4.23 -14.15 -13.11
CA PHE B 265 4.77 -14.91 -14.22
C PHE B 265 6.30 -14.87 -14.18
N ASP B 266 6.94 -16.00 -14.45
CA ASP B 266 8.39 -16.05 -14.49
C ASP B 266 8.97 -15.39 -15.74
N HIS B 267 8.13 -14.85 -16.61
CA HIS B 267 8.53 -14.00 -17.72
C HIS B 267 7.99 -12.59 -17.49
N ASP B 268 8.47 -11.66 -18.31
CA ASP B 268 8.02 -10.27 -18.23
C ASP B 268 6.66 -10.14 -18.91
N ILE B 269 5.65 -10.70 -18.23
CA ILE B 269 4.27 -10.68 -18.71
C ILE B 269 3.40 -10.10 -17.61
N THR B 270 2.58 -9.12 -17.96
CA THR B 270 1.82 -8.33 -17.01
C THR B 270 0.36 -8.78 -16.96
N PHE B 271 -0.21 -8.77 -15.75
CA PHE B 271 -1.64 -8.95 -15.59
C PHE B 271 -2.35 -7.62 -15.83
N HIS B 272 -3.37 -7.65 -16.68
CA HIS B 272 -4.25 -6.49 -16.88
C HIS B 272 -5.58 -6.83 -16.20
N GLN B 273 -5.72 -6.39 -14.95
CA GLN B 273 -6.90 -6.71 -14.16
C GLN B 273 -8.08 -5.85 -14.61
N ILE B 274 -9.17 -6.50 -14.99
CA ILE B 274 -10.37 -5.80 -15.45
C ILE B 274 -11.53 -5.91 -14.49
N GLY B 275 -11.46 -6.77 -13.48
CA GLY B 275 -12.58 -6.95 -12.57
C GLY B 275 -12.15 -7.54 -11.24
N THR B 276 -13.02 -7.35 -10.25
CA THR B 276 -12.78 -7.87 -8.92
C THR B 276 -13.94 -8.77 -8.49
N ASP B 277 -14.13 -8.92 -7.18
CA ASP B 277 -15.17 -9.80 -6.66
C ASP B 277 -16.55 -9.35 -7.13
N GLY B 278 -16.82 -8.05 -7.10
CA GLY B 278 -18.17 -7.58 -7.40
C GLY B 278 -18.44 -7.32 -8.86
N GLY B 279 -17.41 -7.26 -9.69
CA GLY B 279 -17.61 -7.09 -11.11
C GLY B 279 -16.47 -6.30 -11.73
N LEU B 280 -16.79 -5.67 -12.85
CA LEU B 280 -15.79 -4.99 -13.66
C LEU B 280 -15.28 -3.74 -12.96
N LEU B 281 -13.99 -3.46 -13.16
CA LEU B 281 -13.43 -2.17 -12.78
C LEU B 281 -13.90 -1.11 -13.77
N GLN B 282 -13.47 0.13 -13.54
CA GLN B 282 -13.76 1.18 -14.51
C GLN B 282 -12.72 1.19 -15.64
N HIS B 283 -11.46 0.93 -15.30
CA HIS B 283 -10.37 0.91 -16.26
C HIS B 283 -9.44 -0.25 -15.92
N PRO B 284 -8.81 -0.86 -16.92
CA PRO B 284 -7.85 -1.93 -16.63
C PRO B 284 -6.66 -1.42 -15.84
N VAL B 285 -6.13 -2.29 -14.98
CA VAL B 285 -5.01 -1.97 -14.11
C VAL B 285 -3.86 -2.90 -14.44
N LYS B 286 -2.73 -2.34 -14.87
CA LYS B 286 -1.53 -3.11 -15.10
C LYS B 286 -0.91 -3.50 -13.76
N VAL B 287 -0.87 -4.80 -13.46
CA VAL B 287 -0.31 -5.29 -12.21
C VAL B 287 0.69 -6.40 -12.54
N ASN B 288 1.83 -6.38 -11.85
CA ASN B 288 2.84 -7.43 -12.01
C ASN B 288 2.62 -8.61 -11.08
N GLU B 289 1.93 -8.42 -9.96
CA GLU B 289 1.71 -9.49 -9.00
C GLU B 289 0.31 -9.37 -8.40
N LEU B 290 -0.37 -10.51 -8.29
CA LEU B 290 -1.71 -10.58 -7.72
C LEU B 290 -1.64 -11.20 -6.34
N VAL B 291 -2.02 -10.43 -5.33
CA VAL B 291 -2.18 -10.94 -3.97
C VAL B 291 -3.64 -11.32 -3.80
N ILE B 292 -3.91 -12.62 -3.71
CA ILE B 292 -5.27 -13.15 -3.68
C ILE B 292 -5.43 -13.99 -2.42
N ALA B 293 -6.21 -13.48 -1.47
CA ALA B 293 -6.54 -14.21 -0.26
C ALA B 293 -7.67 -15.19 -0.55
N PRO B 294 -7.97 -16.11 0.37
CA PRO B 294 -9.11 -17.02 0.18
C PRO B 294 -10.40 -16.25 -0.10
N ALA B 295 -11.15 -16.74 -1.09
CA ALA B 295 -12.45 -16.28 -1.55
C ALA B 295 -12.35 -15.06 -2.47
N GLU B 296 -11.19 -14.42 -2.58
CA GLU B 296 -11.05 -13.30 -3.51
C GLU B 296 -11.01 -13.79 -4.95
N ARG B 297 -11.51 -12.97 -5.86
CA ARG B 297 -11.49 -13.26 -7.28
C ARG B 297 -10.80 -12.14 -8.03
N CYS B 298 -10.16 -12.48 -9.15
CA CYS B 298 -9.43 -11.51 -9.96
C CYS B 298 -9.69 -11.81 -11.43
N ASP B 299 -10.35 -10.88 -12.12
CA ASP B 299 -10.61 -10.98 -13.54
C ASP B 299 -9.49 -10.26 -14.29
N ILE B 300 -8.62 -11.01 -14.94
CA ILE B 300 -7.41 -10.45 -15.54
C ILE B 300 -7.27 -10.91 -16.99
N ILE B 301 -6.65 -10.06 -17.79
CA ILE B 301 -6.35 -10.35 -19.19
C ILE B 301 -4.83 -10.45 -19.34
N VAL B 302 -4.37 -11.49 -20.03
CA VAL B 302 -2.94 -11.70 -20.27
C VAL B 302 -2.72 -11.80 -21.77
N ASP B 303 -1.73 -11.05 -22.27
CA ASP B 303 -1.40 -11.01 -23.69
C ASP B 303 -0.18 -11.91 -23.92
N PHE B 304 -0.41 -13.07 -24.52
CA PHE B 304 0.65 -14.01 -24.85
C PHE B 304 1.14 -13.86 -26.29
N SER B 305 0.71 -12.81 -27.00
CA SER B 305 1.00 -12.68 -28.42
C SER B 305 2.50 -12.63 -28.70
N ARG B 306 3.29 -12.08 -27.78
CA ARG B 306 4.73 -11.99 -27.95
C ARG B 306 5.46 -13.10 -27.21
N ALA B 307 4.80 -14.23 -26.95
CA ALA B 307 5.41 -15.35 -26.25
C ALA B 307 5.27 -16.66 -27.01
N GLU B 308 5.13 -16.60 -28.33
CA GLU B 308 4.98 -17.80 -29.13
C GLU B 308 6.20 -18.71 -28.98
N GLY B 309 5.96 -19.94 -28.56
CA GLY B 309 7.03 -20.89 -28.31
C GLY B 309 7.62 -20.84 -26.91
N LYS B 310 7.26 -19.83 -26.11
CA LYS B 310 7.79 -19.72 -24.76
C LYS B 310 7.00 -20.60 -23.80
N THR B 311 7.65 -20.95 -22.70
CA THR B 311 7.03 -21.70 -21.61
C THR B 311 6.89 -20.77 -20.42
N VAL B 312 5.66 -20.32 -20.16
CA VAL B 312 5.38 -19.32 -19.12
C VAL B 312 4.77 -20.04 -17.92
N THR B 313 5.44 -19.97 -16.79
CA THR B 313 4.97 -20.62 -15.57
C THR B 313 4.36 -19.58 -14.64
N LEU B 314 3.13 -19.83 -14.19
CA LEU B 314 2.50 -19.00 -13.18
C LEU B 314 3.07 -19.38 -11.81
N LYS B 315 3.72 -18.42 -11.17
CA LYS B 315 4.46 -18.67 -9.94
C LYS B 315 3.76 -18.06 -8.73
N ASN B 316 4.20 -18.47 -7.56
CA ASN B 316 3.70 -17.97 -6.29
C ASN B 316 4.90 -17.55 -5.44
N ARG B 317 4.85 -16.32 -4.92
CA ARG B 317 6.01 -15.75 -4.26
C ARG B 317 6.10 -16.11 -2.78
N ILE B 318 4.97 -16.25 -2.11
CA ILE B 318 4.95 -16.40 -0.66
C ILE B 318 4.44 -17.79 -0.29
N GLY B 319 4.72 -18.17 0.94
CA GLY B 319 4.37 -19.46 1.48
C GLY B 319 3.20 -19.39 2.44
N CYS B 320 3.28 -20.19 3.50
CA CYS B 320 2.18 -20.35 4.45
C CYS B 320 2.13 -19.27 5.51
N SER B 321 3.27 -18.78 5.97
CA SER B 321 3.33 -17.69 6.94
C SER B 321 3.86 -16.41 6.31
N GLY B 322 3.74 -16.28 5.00
CA GLY B 322 4.24 -15.11 4.29
C GLY B 322 5.72 -15.16 3.94
N GLN B 323 6.42 -16.23 4.29
CA GLN B 323 7.84 -16.35 3.99
C GLN B 323 8.02 -16.60 2.49
N ASP B 324 9.28 -16.63 2.05
CA ASP B 324 9.58 -16.96 0.67
C ASP B 324 9.12 -18.38 0.37
N ALA B 325 8.40 -18.53 -0.74
CA ALA B 325 7.83 -19.82 -1.09
C ALA B 325 8.91 -20.83 -1.42
N ASP B 326 8.70 -22.07 -1.01
CA ASP B 326 9.57 -23.16 -1.43
C ASP B 326 9.37 -23.39 -2.92
N PRO B 327 10.45 -23.51 -3.71
CA PRO B 327 10.29 -23.88 -5.12
C PRO B 327 9.53 -25.18 -5.37
N THR B 329 8.43 -25.39 -4.64
CA THR B 329 7.43 -26.41 -4.97
C THR B 329 6.04 -25.77 -4.88
N ASP B 330 5.72 -25.16 -3.75
CA ASP B 330 4.50 -24.35 -3.64
C ASP B 330 4.68 -22.97 -4.25
N ALA B 331 5.87 -22.67 -4.77
CA ALA B 331 6.09 -21.47 -5.57
C ALA B 331 5.58 -21.63 -6.99
N ASN B 332 5.06 -22.80 -7.35
CA ASN B 332 4.55 -23.07 -8.69
C ASN B 332 3.03 -23.26 -8.61
N ILE B 333 2.32 -22.61 -9.53
CA ILE B 333 0.88 -22.77 -9.63
C ILE B 333 0.59 -23.70 -10.80
N MET B 334 0.87 -23.25 -12.02
CA MET B 334 0.73 -24.07 -13.20
C MET B 334 1.60 -23.49 -14.30
N GLN B 335 1.71 -24.23 -15.41
CA GLN B 335 2.62 -23.90 -16.50
C GLN B 335 1.83 -23.71 -17.78
N PHE B 336 2.03 -22.57 -18.44
CA PHE B 336 1.40 -22.28 -19.73
C PHE B 336 2.44 -22.45 -20.83
N ARG B 337 2.14 -23.31 -21.80
CA ARG B 337 3.01 -23.56 -22.93
C ARG B 337 2.36 -22.96 -24.17
N ILE B 338 2.96 -21.89 -24.69
CA ILE B 338 2.40 -21.18 -25.83
C ILE B 338 2.78 -21.92 -27.11
N SER B 339 2.26 -23.14 -27.28
CA SER B 339 2.62 -23.98 -28.42
C SER B 339 1.48 -24.24 -29.39
N LYS B 340 0.23 -24.02 -28.99
CA LYS B 340 -0.88 -24.19 -29.93
C LYS B 340 -0.79 -23.12 -31.01
N PRO B 341 -0.92 -23.47 -32.28
CA PRO B 341 -0.89 -22.46 -33.33
C PRO B 341 -2.12 -21.57 -33.28
N LEU B 342 -1.92 -20.29 -33.60
CA LEU B 342 -3.01 -19.33 -33.59
C LEU B 342 -4.07 -19.71 -34.63
N LYS B 343 -5.23 -20.18 -34.16
CA LYS B 343 -6.32 -20.56 -35.06
C LYS B 343 -6.76 -19.37 -35.90
N GLN B 344 -7.62 -18.54 -35.35
CA GLN B 344 -8.08 -17.32 -35.99
C GLN B 344 -7.34 -16.12 -35.44
N LYS B 345 -7.42 -15.00 -36.17
CA LYS B 345 -6.81 -13.78 -35.70
C LYS B 345 -7.47 -13.33 -34.39
N ASP B 346 -6.65 -12.91 -33.44
CA ASP B 346 -7.15 -12.46 -32.14
C ASP B 346 -7.83 -11.11 -32.31
N THR B 347 -9.16 -11.13 -32.33
CA THR B 347 -9.95 -9.91 -32.47
C THR B 347 -10.51 -9.42 -31.13
N SER B 348 -10.20 -10.09 -30.03
CA SER B 348 -10.68 -9.68 -28.73
C SER B 348 -10.08 -8.34 -28.34
N SER B 349 -10.77 -7.63 -27.45
CA SER B 349 -10.42 -6.26 -27.09
C SER B 349 -10.01 -6.17 -25.63
N LEU B 350 -9.11 -5.23 -25.34
CA LEU B 350 -8.74 -4.82 -23.99
C LEU B 350 -9.11 -3.35 -23.87
N PRO B 351 -10.40 -3.04 -23.70
CA PRO B 351 -10.83 -1.64 -23.78
C PRO B 351 -10.36 -0.82 -22.59
N ARG B 352 -10.13 0.48 -22.86
CA ARG B 352 -9.66 1.37 -21.81
C ARG B 352 -10.77 1.70 -20.82
N ILE B 353 -12.03 1.68 -21.26
CA ILE B 353 -13.18 1.92 -20.41
C ILE B 353 -13.96 0.63 -20.29
N LEU B 354 -14.35 0.29 -19.06
CA LEU B 354 -15.01 -0.99 -18.81
C LEU B 354 -16.40 -0.87 -18.20
N ARG B 355 -16.72 0.23 -17.52
CA ARG B 355 -17.92 0.29 -16.72
C ARG B 355 -18.72 1.58 -16.88
N LYS B 356 -18.09 2.69 -17.27
CA LYS B 356 -18.76 3.99 -17.40
C LYS B 356 -19.42 4.40 -16.09
N ARG B 357 -20.52 3.74 -15.73
CA ARG B 357 -21.25 4.13 -14.54
C ARG B 357 -20.42 3.84 -13.29
N PRO B 358 -20.46 4.72 -12.29
CA PRO B 358 -19.62 4.52 -11.09
C PRO B 358 -20.09 3.37 -10.22
N PHE B 359 -19.43 3.17 -9.09
CA PHE B 359 -19.81 2.13 -8.15
C PHE B 359 -20.87 2.65 -7.18
N HIS B 363 -23.02 8.38 -0.39
CA HIS B 363 -24.40 8.50 0.08
C HIS B 363 -24.44 9.19 1.44
N LYS B 364 -25.52 8.97 2.20
CA LYS B 364 -25.71 9.71 3.45
C LYS B 364 -24.77 9.21 4.56
N ILE B 365 -24.48 7.92 4.58
CA ILE B 365 -23.68 7.28 5.64
C ILE B 365 -24.38 7.45 6.97
N ASN B 366 -25.13 6.43 7.39
CA ASN B 366 -25.95 6.50 8.59
C ASN B 366 -25.22 5.99 9.83
N THR B 367 -24.43 4.93 9.70
CA THR B 367 -23.90 4.20 10.84
C THR B 367 -22.41 4.02 10.71
N LEU B 368 -21.72 4.03 11.86
CA LEU B 368 -20.32 3.70 11.97
C LEU B 368 -20.17 2.51 12.91
N ARG B 369 -19.29 1.57 12.55
CA ARG B 369 -19.08 0.36 13.34
C ARG B 369 -17.59 0.10 13.50
N ASN B 370 -17.18 -0.19 14.73
CA ASN B 370 -15.83 -0.65 15.03
C ASN B 370 -15.89 -2.14 15.35
N LEU B 371 -15.09 -2.93 14.63
CA LEU B 371 -15.13 -4.38 14.75
C LEU B 371 -13.69 -4.88 14.87
N SER B 372 -13.39 -5.59 15.96
CA SER B 372 -12.04 -6.04 16.25
C SER B 372 -11.83 -7.47 15.80
N LEU B 373 -10.58 -7.78 15.44
CA LEU B 373 -10.15 -9.13 15.11
C LEU B 373 -9.17 -9.57 16.19
N GLY B 374 -9.47 -10.67 16.87
CA GLY B 374 -8.63 -11.13 17.93
C GLY B 374 -8.79 -12.61 18.18
N ALA B 375 -8.32 -13.05 19.34
CA ALA B 375 -8.38 -14.46 19.71
C ALA B 375 -8.35 -14.59 21.22
N SER B 376 -9.07 -15.57 21.73
CA SER B 376 -9.06 -15.95 23.13
C SER B 376 -8.62 -17.41 23.25
N LEU B 377 -8.48 -17.88 24.49
CA LEU B 377 -8.10 -19.25 24.76
C LEU B 377 -9.27 -19.97 25.42
N ASP B 378 -9.56 -21.17 24.95
CA ASP B 378 -10.60 -22.00 25.54
C ASP B 378 -10.00 -22.80 26.70
N GLN B 379 -10.78 -23.72 27.27
CA GLN B 379 -10.31 -24.48 28.42
C GLN B 379 -9.15 -25.40 28.06
N TYR B 380 -9.09 -25.88 26.82
CA TYR B 380 -8.03 -26.78 26.39
C TYR B 380 -6.76 -26.04 25.96
N GLY B 381 -6.73 -24.72 26.07
CA GLY B 381 -5.59 -23.95 25.64
C GLY B 381 -5.54 -23.64 24.16
N ARG B 382 -6.62 -23.86 23.43
CA ARG B 382 -6.68 -23.60 21.99
C ARG B 382 -7.09 -22.16 21.72
N PRO B 383 -6.50 -21.53 20.70
CA PRO B 383 -6.92 -20.17 20.35
C PRO B 383 -8.30 -20.18 19.71
N VAL B 384 -9.15 -19.26 20.16
CA VAL B 384 -10.50 -19.09 19.64
C VAL B 384 -10.53 -17.73 18.95
N LEU B 385 -10.40 -17.72 17.63
CA LEU B 385 -10.44 -16.47 16.89
C LEU B 385 -11.87 -15.94 16.87
N LEU B 386 -12.03 -14.65 17.19
CA LEU B 386 -13.33 -14.07 17.42
C LEU B 386 -13.46 -12.73 16.70
N LEU B 387 -14.70 -12.39 16.36
CA LEU B 387 -15.06 -11.06 15.89
C LEU B 387 -15.69 -10.30 17.05
N ASN B 388 -15.14 -9.13 17.37
CA ASN B 388 -15.59 -8.33 18.50
C ASN B 388 -15.54 -9.10 19.82
N ASN B 389 -14.59 -10.04 19.92
CA ASN B 389 -14.42 -10.87 21.12
C ASN B 389 -15.73 -11.55 21.52
N THR B 390 -16.57 -11.85 20.53
CA THR B 390 -17.92 -12.33 20.76
C THR B 390 -18.11 -13.66 20.03
N LYS B 391 -18.67 -14.64 20.73
CA LYS B 391 -18.89 -15.95 20.14
C LYS B 391 -20.06 -15.93 19.17
N TRP B 392 -20.14 -16.97 18.35
CA TRP B 392 -21.24 -17.11 17.40
C TRP B 392 -22.56 -17.35 18.12
N HIS B 393 -22.53 -18.03 19.27
CA HIS B 393 -23.75 -18.30 20.02
C HIS B 393 -24.45 -17.02 20.45
N GLU B 394 -23.70 -15.93 20.59
CA GLU B 394 -24.19 -14.74 21.27
C GLU B 394 -25.17 -13.97 20.39
N PRO B 395 -25.99 -13.10 21.00
CA PRO B 395 -27.00 -12.36 20.24
C PRO B 395 -26.38 -11.47 19.17
N VAL B 396 -27.18 -11.20 18.14
CA VAL B 396 -26.70 -10.44 16.99
C VAL B 396 -26.47 -8.98 17.39
N THR B 397 -25.37 -8.41 16.90
CA THR B 397 -25.04 -7.02 17.16
C THR B 397 -24.88 -6.18 15.90
N GLU B 398 -24.48 -6.78 14.78
CA GLU B 398 -24.37 -6.09 13.51
C GLU B 398 -25.76 -6.08 12.87
N THR B 399 -26.53 -5.02 13.16
CA THR B 399 -27.91 -4.88 12.71
C THR B 399 -28.06 -3.61 11.90
N PRO B 400 -27.58 -3.59 10.66
CA PRO B 400 -27.82 -2.44 9.79
C PRO B 400 -29.25 -2.40 9.28
N ALA B 401 -29.70 -1.20 8.97
CA ALA B 401 -31.04 -1.00 8.44
C ALA B 401 -31.06 -1.16 6.93
N LEU B 402 -32.18 -1.64 6.42
CA LEU B 402 -32.33 -1.88 4.99
C LEU B 402 -32.15 -0.57 4.22
N GLY B 403 -31.16 -0.54 3.33
CA GLY B 403 -30.90 0.62 2.52
C GLY B 403 -29.93 1.63 3.11
N SER B 404 -29.43 1.39 4.32
CA SER B 404 -28.52 2.31 4.96
C SER B 404 -27.08 2.07 4.51
N THR B 405 -26.31 3.14 4.41
CA THR B 405 -24.89 3.07 4.08
C THR B 405 -24.09 3.20 5.37
N GLU B 406 -23.14 2.28 5.57
CA GLU B 406 -22.34 2.26 6.78
C GLU B 406 -20.85 2.25 6.41
N ILE B 407 -20.03 2.69 7.36
CA ILE B 407 -18.58 2.58 7.25
C ILE B 407 -18.12 1.68 8.38
N TRP B 408 -17.65 0.49 8.04
CA TRP B 408 -17.12 -0.45 9.03
C TRP B 408 -15.62 -0.24 9.17
N SER B 409 -15.17 -0.06 10.41
CA SER B 409 -13.75 -0.02 10.74
C SER B 409 -13.38 -1.38 11.33
N ILE B 410 -12.59 -2.14 10.58
CA ILE B 410 -12.17 -3.48 10.97
C ILE B 410 -10.78 -3.38 11.58
N ILE B 411 -10.69 -3.65 12.88
CA ILE B 411 -9.48 -3.42 13.66
C ILE B 411 -8.79 -4.76 13.87
N ASN B 412 -7.65 -4.97 13.21
CA ASN B 412 -6.91 -6.22 13.28
C ASN B 412 -5.75 -6.05 14.26
N ALA B 413 -5.92 -6.58 15.47
CA ALA B 413 -4.85 -6.61 16.46
C ALA B 413 -4.04 -7.90 16.39
N GLY B 414 -4.28 -8.75 15.39
CA GLY B 414 -3.58 -10.00 15.25
C GLY B 414 -2.24 -9.87 14.55
N ARG B 415 -1.61 -11.02 14.34
CA ARG B 415 -0.26 -11.06 13.78
C ARG B 415 -0.25 -11.20 12.26
N ALA B 416 -1.32 -11.70 11.65
CA ALA B 416 -1.35 -11.95 10.23
C ALA B 416 -2.64 -11.42 9.61
N ILE B 417 -2.71 -11.51 8.28
CA ILE B 417 -3.86 -10.98 7.55
C ILE B 417 -5.10 -11.80 7.87
N HIS B 418 -6.24 -11.12 7.97
CA HIS B 418 -7.55 -11.76 8.08
C HIS B 418 -8.39 -11.37 6.87
N PRO B 419 -8.73 -12.30 5.97
CA PRO B 419 -9.63 -11.96 4.87
C PRO B 419 -11.09 -11.92 5.32
N ILE B 420 -11.57 -10.74 5.70
CA ILE B 420 -12.91 -10.59 6.22
C ILE B 420 -13.90 -10.52 5.06
N HIS B 421 -14.97 -11.31 5.15
CA HIS B 421 -15.97 -11.42 4.10
C HIS B 421 -17.35 -11.09 4.67
N LEU B 422 -18.10 -10.27 3.93
CA LEU B 422 -19.49 -9.95 4.26
C LEU B 422 -20.42 -10.58 3.24
N HIS B 423 -21.58 -11.02 3.70
CA HIS B 423 -22.56 -11.60 2.80
C HIS B 423 -23.46 -10.51 2.20
N LEU B 424 -24.26 -10.91 1.22
CA LEU B 424 -25.27 -10.07 0.58
C LEU B 424 -24.68 -8.93 -0.24
N VAL B 425 -23.80 -8.14 0.35
CA VAL B 425 -23.44 -6.85 -0.19
C VAL B 425 -22.11 -6.93 -0.94
N GLN B 426 -21.80 -5.87 -1.66
CA GLN B 426 -20.47 -5.62 -2.22
C GLN B 426 -20.04 -4.23 -1.74
N PHE B 427 -18.84 -4.13 -1.19
CA PHE B 427 -18.39 -2.90 -0.57
C PHE B 427 -17.21 -2.31 -1.34
N LEU B 428 -16.76 -1.14 -0.90
CA LEU B 428 -15.60 -0.45 -1.44
C LEU B 428 -14.60 -0.22 -0.32
N ILE B 429 -13.35 -0.62 -0.55
CA ILE B 429 -12.30 -0.43 0.46
C ILE B 429 -11.91 1.04 0.50
N LEU B 430 -12.06 1.67 1.67
CA LEU B 430 -11.71 3.07 1.81
C LEU B 430 -10.21 3.27 1.98
N ASP B 431 -9.65 2.77 3.08
CA ASP B 431 -8.23 2.94 3.36
C ASP B 431 -7.80 1.95 4.43
N HIS B 432 -6.48 1.82 4.59
CA HIS B 432 -5.86 1.09 5.68
C HIS B 432 -5.00 2.05 6.49
N ARG B 433 -4.89 1.79 7.79
CA ARG B 433 -4.12 2.68 8.65
C ARG B 433 -3.63 1.95 9.90
N PRO B 434 -2.34 2.06 10.24
CA PRO B 434 -1.82 1.38 11.43
C PRO B 434 -2.26 2.07 12.71
N PHE B 435 -2.29 1.28 13.78
CA PHE B 435 -2.66 1.80 15.10
C PHE B 435 -1.75 1.17 16.15
N ASP B 436 -1.89 1.67 17.38
CA ASP B 436 -1.08 1.21 18.49
C ASP B 436 -1.66 -0.10 19.02
N ILE B 437 -0.92 -1.20 18.81
CA ILE B 437 -1.36 -2.50 19.30
C ILE B 437 -1.32 -2.53 20.83
N GLU B 438 -0.23 -2.02 21.42
CA GLU B 438 -0.06 -2.10 22.86
C GLU B 438 -1.12 -1.30 23.60
N ARG B 439 -1.42 -0.09 23.13
CA ARG B 439 -2.47 0.71 23.74
C ARG B 439 -3.85 0.09 23.52
N TYR B 440 -4.00 -0.72 22.47
CA TYR B 440 -5.29 -1.31 22.14
C TYR B 440 -5.65 -2.46 23.07
N GLN B 441 -4.66 -3.15 23.62
CA GLN B 441 -4.90 -4.29 24.51
C GLN B 441 -4.86 -3.87 25.99
N GLU B 442 -4.97 -2.58 26.28
CA GLU B 442 -4.96 -2.09 27.65
C GLU B 442 -6.25 -1.39 28.03
N ASN B 443 -6.65 -0.36 27.27
CA ASN B 443 -7.92 0.32 27.50
C ASN B 443 -8.83 0.28 26.28
N GLY B 444 -8.47 -0.48 25.25
CA GLY B 444 -9.28 -0.58 24.06
C GLY B 444 -9.35 0.67 23.22
N GLU B 445 -8.61 1.72 23.57
CA GLU B 445 -8.63 2.95 22.78
C GLU B 445 -7.82 2.76 21.51
N LEU B 446 -8.32 3.36 20.42
CA LEU B 446 -7.72 3.21 19.10
C LEU B 446 -6.89 4.45 18.81
N VAL B 447 -5.57 4.32 18.92
CA VAL B 447 -4.63 5.40 18.65
C VAL B 447 -3.86 5.03 17.38
N PHE B 448 -4.00 5.86 16.35
CA PHE B 448 -3.30 5.61 15.10
C PHE B 448 -1.83 6.03 15.21
N THR B 449 -0.97 5.28 14.52
CA THR B 449 0.47 5.49 14.61
C THR B 449 1.11 5.73 13.25
N GLY B 450 0.31 6.06 12.24
CA GLY B 450 0.82 6.28 10.90
C GLY B 450 -0.21 6.84 9.96
N PRO B 451 0.20 7.19 8.75
CA PRO B 451 -0.73 7.76 7.78
C PRO B 451 -1.65 6.71 7.19
N ALA B 452 -2.78 7.18 6.67
CA ALA B 452 -3.72 6.30 6.00
C ALA B 452 -3.24 5.99 4.59
N ALA B 453 -3.58 4.79 4.11
CA ALA B 453 -3.17 4.35 2.79
C ALA B 453 -4.40 3.81 2.05
N PRO B 454 -4.69 4.29 0.85
CA PRO B 454 -5.78 3.74 0.06
C PRO B 454 -5.44 2.34 -0.41
N PRO B 455 -6.43 1.54 -0.79
CA PRO B 455 -6.13 0.21 -1.32
C PRO B 455 -5.38 0.30 -2.63
N ALA B 456 -4.75 -0.81 -3.01
CA ALA B 456 -4.06 -0.88 -4.29
C ALA B 456 -5.03 -0.57 -5.42
N GLN B 457 -4.49 -0.09 -6.54
CA GLN B 457 -5.33 0.35 -7.64
C GLN B 457 -6.23 -0.77 -8.14
N ASN B 458 -5.75 -2.01 -8.12
CA ASN B 458 -6.54 -3.14 -8.60
C ASN B 458 -7.49 -3.71 -7.54
N GLU B 459 -7.58 -3.08 -6.37
CA GLU B 459 -8.56 -3.46 -5.36
C GLU B 459 -9.54 -2.33 -5.09
N LYS B 460 -9.79 -1.51 -6.11
CA LYS B 460 -10.71 -0.39 -5.97
C LYS B 460 -12.12 -0.69 -6.46
N GLY B 461 -12.35 -1.86 -7.03
CA GLY B 461 -13.68 -2.23 -7.48
C GLY B 461 -14.53 -2.76 -6.34
N LEU B 462 -15.70 -3.27 -6.72
CA LEU B 462 -16.62 -3.86 -5.76
C LEU B 462 -16.02 -5.14 -5.19
N LYS B 463 -15.97 -5.25 -3.87
CA LYS B 463 -15.39 -6.38 -3.18
C LYS B 463 -16.36 -6.93 -2.15
N ASP B 464 -16.27 -8.23 -1.88
CA ASP B 464 -16.97 -8.84 -0.77
C ASP B 464 -16.02 -9.53 0.21
N THR B 465 -14.72 -9.52 -0.05
CA THR B 465 -13.71 -10.04 0.85
C THR B 465 -12.51 -9.13 0.80
N VAL B 466 -12.01 -8.72 1.97
CA VAL B 466 -10.95 -7.72 2.06
C VAL B 466 -9.85 -8.25 2.97
N LYS B 467 -8.60 -8.09 2.53
CA LYS B 467 -7.44 -8.45 3.34
C LYS B 467 -7.20 -7.34 4.36
N VAL B 468 -7.43 -7.64 5.64
CA VAL B 468 -7.22 -6.67 6.71
C VAL B 468 -5.80 -6.88 7.24
N PRO B 469 -4.88 -5.94 7.00
CA PRO B 469 -3.48 -6.19 7.38
C PRO B 469 -3.32 -6.23 8.88
N PRO B 470 -2.29 -6.91 9.38
CA PRO B 470 -2.07 -6.96 10.83
C PRO B 470 -1.65 -5.61 11.36
N GLY B 471 -2.10 -5.32 12.58
CA GLY B 471 -1.78 -4.06 13.22
C GLY B 471 -2.34 -2.85 12.51
N SER B 472 -3.39 -3.02 11.72
CA SER B 472 -3.96 -1.92 10.94
C SER B 472 -5.47 -1.97 11.04
N VAL B 473 -6.10 -0.84 10.75
CA VAL B 473 -7.55 -0.71 10.70
C VAL B 473 -7.95 -0.55 9.24
N THR B 474 -8.74 -1.50 8.74
CA THR B 474 -9.26 -1.44 7.38
C THR B 474 -10.69 -0.91 7.41
N ARG B 475 -10.90 0.24 6.77
CA ARG B 475 -12.22 0.85 6.67
C ARG B 475 -12.90 0.39 5.39
N ILE B 476 -14.13 -0.11 5.52
CA ILE B 476 -14.95 -0.47 4.37
C ILE B 476 -16.28 0.24 4.48
N ILE B 477 -16.87 0.54 3.32
CA ILE B 477 -18.16 1.22 3.25
C ILE B 477 -19.11 0.34 2.44
N ALA B 478 -20.30 0.09 2.98
CA ALA B 478 -21.25 -0.83 2.37
C ALA B 478 -22.66 -0.30 2.52
N THR B 479 -23.49 -0.61 1.52
CA THR B 479 -24.92 -0.30 1.53
C THR B 479 -25.69 -1.61 1.60
N PHE B 480 -26.44 -1.81 2.67
CA PHE B 480 -27.11 -3.08 2.91
C PHE B 480 -28.47 -3.08 2.22
N ALA B 481 -28.50 -3.64 1.01
CA ALA B 481 -29.68 -3.65 0.17
C ALA B 481 -29.57 -4.83 -0.79
N PRO B 482 -30.69 -5.29 -1.36
CA PRO B 482 -32.07 -4.84 -1.20
C PRO B 482 -32.92 -5.81 -0.39
N TYR B 483 -32.31 -6.82 0.22
CA TYR B 483 -33.02 -7.85 0.97
C TYR B 483 -32.74 -7.69 2.44
N SER B 484 -33.80 -7.67 3.24
CA SER B 484 -33.67 -7.70 4.69
C SER B 484 -33.72 -9.14 5.18
N GLY B 485 -33.17 -9.36 6.37
CA GLY B 485 -33.17 -10.68 6.95
C GLY B 485 -31.88 -11.07 7.65
N ARG B 486 -31.60 -12.36 7.71
CA ARG B 486 -30.48 -12.90 8.47
C ARG B 486 -29.38 -13.35 7.52
N TYR B 487 -28.23 -12.70 7.61
CA TYR B 487 -27.02 -13.11 6.91
C TYR B 487 -25.91 -13.31 7.95
N VAL B 488 -24.68 -13.50 7.47
CA VAL B 488 -23.51 -13.62 8.34
C VAL B 488 -22.35 -12.85 7.73
N TRP B 489 -21.34 -12.60 8.56
CA TRP B 489 -20.06 -12.07 8.11
C TRP B 489 -18.98 -12.73 8.94
N HIS B 490 -17.83 -12.97 8.31
CA HIS B 490 -16.81 -13.79 8.96
C HIS B 490 -15.50 -13.65 8.20
N CYS B 491 -14.43 -14.12 8.83
CA CYS B 491 -13.16 -14.31 8.16
C CYS B 491 -13.23 -15.57 7.30
N HIS B 492 -12.70 -15.50 6.08
CA HIS B 492 -12.82 -16.60 5.16
C HIS B 492 -11.67 -17.59 5.26
N ILE B 493 -10.82 -17.47 6.27
CA ILE B 493 -9.93 -18.57 6.66
C ILE B 493 -10.81 -19.59 7.38
N LEU B 494 -11.10 -20.71 6.72
CA LEU B 494 -12.12 -21.62 7.21
C LEU B 494 -11.77 -22.17 8.60
N GLU B 495 -10.50 -22.40 8.88
CA GLU B 495 -10.11 -22.84 10.21
C GLU B 495 -10.39 -21.77 11.26
N HIS B 496 -10.42 -20.50 10.86
CA HIS B 496 -10.84 -19.43 11.75
C HIS B 496 -12.36 -19.34 11.83
N GLU B 497 -13.03 -19.48 10.69
CA GLU B 497 -14.48 -19.32 10.66
C GLU B 497 -15.18 -20.33 11.54
N ASP B 498 -14.72 -21.59 11.54
CA ASP B 498 -15.39 -22.62 12.31
C ASP B 498 -15.18 -22.45 13.81
N TYR B 499 -14.18 -21.69 14.25
CA TYR B 499 -13.89 -21.61 15.67
C TYR B 499 -13.01 -20.38 15.91
N ASP B 500 -13.64 -19.21 16.03
CA ASP B 500 -15.10 -19.06 15.92
C ASP B 500 -15.38 -17.69 15.31
N MET B 501 -14.60 -17.34 14.28
CA MET B 501 -14.64 -16.00 13.72
C MET B 501 -15.83 -15.81 12.77
N MET B 502 -17.04 -16.08 13.25
CA MET B 502 -18.23 -15.90 12.44
C MET B 502 -19.35 -15.36 13.31
N ARG B 503 -20.00 -14.31 12.84
CA ARG B 503 -21.07 -13.64 13.57
C ARG B 503 -22.26 -13.40 12.66
N PRO B 504 -23.47 -13.32 13.23
CA PRO B 504 -24.65 -13.07 12.40
C PRO B 504 -24.74 -11.62 11.96
N LEU B 505 -25.42 -11.42 10.83
CA LEU B 505 -25.63 -10.10 10.24
C LEU B 505 -27.10 -9.95 9.92
N GLU B 506 -27.79 -9.07 10.64
CA GLU B 506 -29.25 -8.91 10.52
C GLU B 506 -29.55 -7.58 9.86
N VAL B 507 -30.11 -7.63 8.65
CA VAL B 507 -30.59 -6.44 7.96
C VAL B 507 -32.06 -6.27 8.27
N THR B 508 -32.43 -5.12 8.82
CA THR B 508 -33.77 -4.87 9.33
C THR B 508 -34.46 -3.79 8.52
N ASP B 509 -35.69 -4.05 8.12
CA ASP B 509 -36.52 -3.08 7.40
C ASP B 509 -37.23 -2.17 8.39
N ILE B 510 -37.40 -0.91 7.99
CA ILE B 510 -38.11 0.09 8.80
C ILE B 510 -39.17 0.73 7.92
N ARG B 511 -40.36 0.94 8.49
CA ARG B 511 -41.44 1.60 7.75
C ARG B 511 -42.44 2.25 8.70
N HIS B 512 -42.62 1.69 9.89
CA HIS B 512 -43.58 2.20 10.87
C HIS B 512 -42.93 2.07 12.24
N GLN B 513 -42.44 3.19 12.76
CA GLN B 513 -41.70 3.24 14.03
C GLN B 513 -40.41 2.43 13.97
#